data_1MZ6
#
_entry.id   1MZ6
#
_cell.length_a   76.200
_cell.length_b   93.800
_cell.length_c   105.300
_cell.angle_alpha   90.00
_cell.angle_beta   90.00
_cell.angle_gamma   90.00
#
_symmetry.space_group_name_H-M   'P 21 21 21'
#
loop_
_entity.id
_entity.type
_entity.pdbx_description
1 polymer sialidase
2 non-polymer 2-acetamido-2-deoxy-beta-D-glucopyranose
3 non-polymer '2-DEOXY-2,3-DEHYDRO-N-ACETYL-NEURAMINIC ACID'
4 water water
#
_entity_poly.entity_id   1
_entity_poly.type   'polypeptide(L)'
_entity_poly.pdbx_seq_one_letter_code
;LAPGSSRVELFKRKNSTVPFEESNGTIRERVVHSFRIPTIVNVDGVMVATADARYETSFDNSFIETAVKYSVDDGATWNT
QIAIKNSRASSVSRVMDATVIVKGNKLYILVGSFNKTRNSWTQHRDGSDWEPLLVVGEVTKSAANGKTTATISWGKPVSL
KPLFPAEFDGILTKEFVGGVGAAIVGSNGNLVYPVQIADMGGRVFTKIMYSEDDGNTWKFAEGRSKFGCSEPAVLEWEGK
LIINNRVDGNRRLVYESSDMGKTWVEALGTLSHVWTNSPTSNQQDCQSSFVAVTIEGKRVMLFTHPLNLKGRWMRDRLHL
WMTDNQRIFDVGQISIGDENSGYSSVLYKDDKLYSLHEINTNDVYSLVFVRFIGELQLMKSVVRTWKEEDNHLASICTPV
VPATPPSKGGCGAAVPTAGLVGFLSHSANGSVWEDVYRCVDANVANAERVPNGLKFNGVGGGAVWPVARQGQTRRYQFAN
YRFTLVATVTIDELPKGTSPLLGAGLEGPGDAKLLGLSYDKNRQWRPLYGAAPASPTGSWELHKKYHVVLTMADRQGSVY
VDGQPLAGSGNTVVRGATLPDISHFYIGGPRSKGAPTDSRVTVTNIVLYNRRLNSSEIRTLFLSQDMIGTDGGAGTAA
;
_entity_poly.pdbx_strand_id   A
#
loop_
_chem_comp.id
_chem_comp.type
_chem_comp.name
_chem_comp.formula
DAN D-saccharide '2-DEOXY-2,3-DEHYDRO-N-ACETYL-NEURAMINIC ACID' 'C11 H17 N O8'
NAG D-saccharide, beta linking 2-acetamido-2-deoxy-beta-D-glucopyranose 'C8 H15 N O6'
#
# COMPACT_ATOMS: atom_id res chain seq x y z
N LEU A 1 -8.46 16.68 8.01
CA LEU A 1 -8.42 16.59 6.53
C LEU A 1 -7.52 17.74 6.07
N ALA A 2 -6.95 17.69 4.88
CA ALA A 2 -6.04 18.77 4.50
C ALA A 2 -6.66 20.19 4.56
N PRO A 3 -5.89 21.21 4.96
CA PRO A 3 -6.38 22.61 4.88
C PRO A 3 -6.76 22.96 3.43
N GLY A 4 -8.01 23.28 3.12
CA GLY A 4 -8.35 23.59 1.74
C GLY A 4 -9.42 22.62 1.29
N SER A 5 -9.27 21.40 1.75
CA SER A 5 -10.17 20.31 1.51
C SER A 5 -11.46 20.47 2.34
N SER A 6 -12.49 19.70 1.95
CA SER A 6 -13.82 19.79 2.55
C SER A 6 -14.74 18.60 2.29
N ARG A 7 -15.85 18.54 3.01
CA ARG A 7 -16.68 17.39 2.84
C ARG A 7 -18.14 17.65 3.19
N VAL A 8 -18.99 16.71 2.79
CA VAL A 8 -20.40 16.91 2.94
C VAL A 8 -20.94 15.55 3.33
N GLU A 9 -21.91 15.54 4.23
CA GLU A 9 -22.47 14.29 4.63
C GLU A 9 -23.35 13.70 3.51
N LEU A 10 -22.73 13.17 2.45
CA LEU A 10 -23.54 12.67 1.33
C LEU A 10 -24.66 11.69 1.74
N PHE A 11 -24.37 10.53 2.32
CA PHE A 11 -25.44 9.63 2.76
C PHE A 11 -25.65 9.71 4.27
N LYS A 12 -26.41 10.70 4.72
CA LYS A 12 -26.57 10.95 6.17
C LYS A 12 -27.45 10.01 7.01
N ARG A 13 -26.84 9.36 8.00
CA ARG A 13 -27.53 8.41 8.89
C ARG A 13 -28.77 9.05 9.39
N LYS A 14 -29.80 8.22 9.53
CA LYS A 14 -31.10 8.61 10.05
C LYS A 14 -31.68 9.86 9.47
N ASN A 15 -31.32 10.19 8.24
CA ASN A 15 -31.87 11.39 7.64
C ASN A 15 -32.19 11.17 6.18
N SER A 16 -31.23 10.62 5.47
CA SER A 16 -31.36 10.35 4.05
C SER A 16 -32.31 9.21 3.70
N THR A 17 -32.96 9.42 2.58
CA THR A 17 -34.04 8.59 2.14
C THR A 17 -33.63 7.76 0.94
N VAL A 18 -34.17 6.56 0.85
CA VAL A 18 -33.96 5.72 -0.33
C VAL A 18 -35.36 5.27 -0.75
N PRO A 19 -35.60 5.18 -2.05
CA PRO A 19 -36.92 4.84 -2.55
C PRO A 19 -37.04 3.37 -2.38
N PHE A 20 -37.67 2.94 -1.30
CA PHE A 20 -37.83 1.52 -1.07
C PHE A 20 -39.09 1.15 -1.74
N GLU A 21 -39.04 0.05 -2.49
CA GLU A 21 -40.21 -0.39 -3.19
C GLU A 21 -40.80 -1.55 -2.46
N GLU A 22 -42.10 -1.45 -2.19
CA GLU A 22 -42.76 -2.48 -1.45
C GLU A 22 -43.02 -3.75 -2.30
N SER A 23 -43.45 -4.82 -1.65
CA SER A 23 -43.72 -6.09 -2.34
C SER A 23 -44.42 -5.87 -3.69
N ASN A 24 -45.56 -5.21 -3.59
CA ASN A 24 -46.51 -4.94 -4.65
C ASN A 24 -46.32 -3.64 -5.43
N GLY A 25 -45.08 -3.22 -5.66
CA GLY A 25 -44.89 -2.03 -6.47
C GLY A 25 -44.83 -0.63 -5.86
N THR A 26 -45.71 -0.26 -4.91
CA THR A 26 -45.58 1.11 -4.39
C THR A 26 -44.17 1.37 -3.91
N ILE A 27 -43.73 2.59 -4.11
CA ILE A 27 -42.43 2.88 -3.66
C ILE A 27 -42.59 3.98 -2.65
N ARG A 28 -41.91 3.82 -1.52
CA ARG A 28 -41.95 4.77 -0.43
C ARG A 28 -40.54 5.26 -0.11
N GLU A 29 -40.42 6.55 0.18
CA GLU A 29 -39.16 7.10 0.68
C GLU A 29 -38.99 6.55 2.10
N ARG A 30 -37.82 6.05 2.45
CA ARG A 30 -37.69 5.43 3.76
C ARG A 30 -36.40 5.83 4.43
N VAL A 31 -36.47 6.18 5.71
CA VAL A 31 -35.26 6.59 6.39
C VAL A 31 -34.34 5.37 6.58
N VAL A 32 -33.05 5.64 6.69
CA VAL A 32 -32.08 4.56 6.75
C VAL A 32 -31.15 4.86 7.90
N HIS A 33 -31.09 3.91 8.83
CA HIS A 33 -30.23 3.98 9.98
C HIS A 33 -28.77 4.27 9.67
N SER A 34 -28.11 3.34 9.00
CA SER A 34 -26.71 3.47 8.70
C SER A 34 -26.41 3.13 7.26
N PHE A 35 -25.52 3.92 6.64
CA PHE A 35 -25.02 3.74 5.29
C PHE A 35 -23.57 3.29 5.47
N ARG A 36 -23.19 2.10 4.99
CA ARG A 36 -21.86 1.56 5.21
C ARG A 36 -21.35 1.03 3.89
N ILE A 37 -20.07 0.66 3.79
CA ILE A 37 -19.48 0.03 2.61
C ILE A 37 -19.55 0.79 1.31
N PRO A 38 -19.06 2.02 1.35
CA PRO A 38 -19.03 2.93 0.20
C PRO A 38 -18.03 2.62 -0.90
N THR A 39 -18.43 3.05 -2.09
CA THR A 39 -17.61 3.05 -3.27
C THR A 39 -18.20 4.15 -4.16
N ILE A 40 -17.33 5.00 -4.70
CA ILE A 40 -17.69 6.04 -5.66
C ILE A 40 -16.75 5.89 -6.87
N VAL A 41 -17.34 5.71 -8.05
CA VAL A 41 -16.65 5.64 -9.33
C VAL A 41 -17.23 6.64 -10.34
N ASN A 42 -16.68 6.63 -11.55
CA ASN A 42 -16.81 7.66 -12.60
C ASN A 42 -17.11 6.92 -13.90
N VAL A 43 -18.41 6.66 -14.13
CA VAL A 43 -18.85 5.99 -15.37
C VAL A 43 -19.03 7.08 -16.34
N ASP A 44 -18.09 7.18 -17.25
CA ASP A 44 -18.27 8.11 -18.36
C ASP A 44 -18.74 9.46 -17.88
N GLY A 45 -18.02 10.22 -17.05
CA GLY A 45 -18.48 11.55 -16.66
C GLY A 45 -19.51 11.72 -15.53
N VAL A 46 -20.32 10.70 -15.31
CA VAL A 46 -21.35 10.70 -14.27
C VAL A 46 -20.83 9.96 -13.01
N MET A 47 -20.72 10.69 -11.90
CA MET A 47 -20.24 10.18 -10.62
C MET A 47 -21.18 9.13 -9.99
N VAL A 48 -20.74 7.90 -9.78
CA VAL A 48 -21.62 6.94 -9.09
C VAL A 48 -21.13 6.47 -7.70
N ALA A 49 -21.97 6.70 -6.69
CA ALA A 49 -21.71 6.27 -5.30
C ALA A 49 -22.65 5.13 -4.90
N THR A 50 -22.09 3.97 -4.62
CA THR A 50 -22.81 2.78 -4.22
C THR A 50 -22.58 2.52 -2.73
N ALA A 51 -23.59 1.96 -2.04
CA ALA A 51 -23.42 1.62 -0.60
C ALA A 51 -24.45 0.66 0.01
N ASP A 52 -24.16 0.15 1.21
CA ASP A 52 -25.11 -0.70 1.92
C ASP A 52 -26.10 0.24 2.54
N ALA A 53 -27.36 0.06 2.23
CA ALA A 53 -28.36 0.90 2.84
C ALA A 53 -28.94 0.03 3.95
N ARG A 54 -28.45 0.16 5.17
CA ARG A 54 -28.90 -0.76 6.21
C ARG A 54 -30.05 -0.09 6.93
N TYR A 55 -31.24 -0.51 6.55
CA TYR A 55 -32.44 0.18 6.98
C TYR A 55 -32.61 0.32 8.49
N GLU A 56 -32.78 -0.78 9.20
CA GLU A 56 -33.01 -0.72 10.65
C GLU A 56 -31.80 -0.57 11.62
N THR A 57 -30.65 -1.17 11.34
CA THR A 57 -29.51 -1.16 12.29
C THR A 57 -28.11 -1.29 11.60
N SER A 58 -27.00 -0.97 12.25
CA SER A 58 -25.73 -1.08 11.54
C SER A 58 -25.22 -2.48 11.43
N PHE A 59 -25.79 -3.38 12.20
CA PHE A 59 -25.35 -4.77 12.12
C PHE A 59 -25.38 -5.44 10.74
N ASP A 60 -24.26 -6.07 10.41
CA ASP A 60 -24.13 -6.91 9.23
C ASP A 60 -25.33 -7.80 8.90
N ASN A 61 -25.81 -8.55 9.90
CA ASN A 61 -26.89 -9.50 9.63
C ASN A 61 -28.26 -8.96 9.84
N SER A 62 -28.54 -7.75 9.36
CA SER A 62 -29.88 -7.24 9.42
C SER A 62 -30.33 -7.04 7.99
N PHE A 63 -31.45 -6.33 7.84
CA PHE A 63 -32.07 -6.01 6.56
C PHE A 63 -31.28 -4.94 5.73
N ILE A 64 -30.59 -5.35 4.65
CA ILE A 64 -29.81 -4.42 3.79
C ILE A 64 -30.01 -4.50 2.24
N GLU A 65 -30.04 -3.33 1.58
CA GLU A 65 -30.13 -3.24 0.10
C GLU A 65 -29.08 -2.24 -0.39
N THR A 66 -28.61 -2.43 -1.61
CA THR A 66 -27.57 -1.62 -2.25
C THR A 66 -28.08 -0.30 -2.82
N ALA A 67 -27.72 0.82 -2.24
CA ALA A 67 -28.23 2.11 -2.71
C ALA A 67 -27.23 2.81 -3.65
N VAL A 68 -27.72 3.58 -4.62
CA VAL A 68 -26.81 4.41 -5.39
C VAL A 68 -27.30 5.83 -5.39
N LYS A 69 -26.35 6.71 -5.66
CA LYS A 69 -26.61 8.13 -5.80
C LYS A 69 -25.61 8.59 -6.86
N TYR A 70 -26.05 8.79 -8.09
CA TYR A 70 -25.07 9.16 -9.11
C TYR A 70 -25.19 10.61 -9.40
N SER A 71 -24.23 11.12 -10.18
CA SER A 71 -24.29 12.49 -10.57
C SER A 71 -23.50 12.93 -11.74
N VAL A 72 -24.10 13.88 -12.43
CA VAL A 72 -23.60 14.50 -13.64
C VAL A 72 -22.98 15.90 -13.43
N ASP A 73 -22.82 16.34 -12.18
CA ASP A 73 -22.18 17.65 -11.88
C ASP A 73 -21.17 17.64 -10.75
N ASP A 74 -20.26 16.67 -10.78
CA ASP A 74 -19.17 16.66 -9.83
C ASP A 74 -19.63 16.92 -8.42
N GLY A 75 -20.84 16.47 -8.10
CA GLY A 75 -21.35 16.57 -6.75
C GLY A 75 -22.19 17.78 -6.40
N ALA A 76 -22.44 18.65 -7.37
CA ALA A 76 -23.33 19.74 -7.13
C ALA A 76 -24.63 19.08 -6.71
N THR A 77 -25.11 18.21 -7.58
CA THR A 77 -26.40 17.59 -7.42
C THR A 77 -26.30 16.07 -7.35
N TRP A 78 -27.36 15.39 -6.90
CA TRP A 78 -27.35 13.93 -6.73
C TRP A 78 -28.75 13.37 -6.82
N ASN A 79 -28.86 12.21 -7.49
CA ASN A 79 -30.11 11.49 -7.61
C ASN A 79 -29.93 10.23 -6.79
N THR A 80 -30.99 9.57 -6.34
CA THR A 80 -30.80 8.40 -5.50
C THR A 80 -31.67 7.27 -5.95
N GLN A 81 -31.15 6.05 -5.89
CA GLN A 81 -31.97 4.90 -6.22
C GLN A 81 -31.61 3.71 -5.35
N ILE A 82 -32.23 2.58 -5.63
CA ILE A 82 -31.95 1.38 -4.89
C ILE A 82 -31.49 0.30 -5.86
N ALA A 83 -30.20 0.25 -6.18
CA ALA A 83 -29.70 -0.62 -7.26
C ALA A 83 -30.07 -2.08 -7.21
N ILE A 84 -30.02 -2.70 -6.03
CA ILE A 84 -30.34 -4.12 -5.92
C ILE A 84 -31.31 -4.29 -4.80
N LYS A 85 -32.21 -5.24 -4.92
CA LYS A 85 -33.20 -5.44 -3.89
C LYS A 85 -32.83 -6.71 -3.24
N ASN A 86 -33.08 -6.85 -1.95
CA ASN A 86 -32.90 -8.16 -1.37
C ASN A 86 -34.09 -9.07 -1.60
N SER A 87 -33.86 -10.35 -1.39
CA SER A 87 -34.89 -11.36 -1.52
C SER A 87 -36.14 -11.05 -0.71
N ARG A 88 -36.04 -10.32 0.37
CA ARG A 88 -37.19 -10.04 1.25
C ARG A 88 -37.69 -11.34 1.88
N ALA A 89 -36.82 -12.33 2.04
CA ALA A 89 -37.19 -13.63 2.54
C ALA A 89 -37.38 -13.74 4.05
N SER A 90 -37.01 -12.71 4.80
CA SER A 90 -37.16 -12.69 6.26
C SER A 90 -36.79 -11.32 6.71
N SER A 91 -36.75 -11.10 8.00
CA SER A 91 -36.43 -9.77 8.45
C SER A 91 -34.93 -9.49 8.43
N VAL A 92 -34.12 -10.36 7.83
CA VAL A 92 -32.69 -10.06 7.77
C VAL A 92 -32.16 -10.21 6.38
N SER A 93 -33.03 -10.58 5.47
CA SER A 93 -32.59 -10.77 4.13
C SER A 93 -31.74 -9.57 3.74
N ARG A 94 -30.70 -9.81 2.93
CA ARG A 94 -29.80 -8.74 2.53
C ARG A 94 -28.90 -9.08 1.36
N VAL A 95 -28.47 -8.00 0.71
CA VAL A 95 -27.41 -8.00 -0.26
C VAL A 95 -26.45 -6.95 0.32
N MET A 96 -25.16 -7.23 0.25
CA MET A 96 -24.16 -6.36 0.84
C MET A 96 -22.79 -6.50 0.17
N ASP A 97 -21.89 -5.62 0.59
CA ASP A 97 -20.49 -5.72 0.26
C ASP A 97 -20.20 -5.61 -1.24
N ALA A 98 -20.78 -4.60 -1.86
CA ALA A 98 -20.56 -4.39 -3.27
C ALA A 98 -19.09 -4.28 -3.64
N THR A 99 -18.71 -5.00 -4.71
CA THR A 99 -17.39 -4.89 -5.32
C THR A 99 -17.70 -4.54 -6.77
N VAL A 100 -17.21 -3.39 -7.22
CA VAL A 100 -17.66 -2.80 -8.46
C VAL A 100 -16.61 -2.68 -9.54
N ILE A 101 -17.04 -2.98 -10.77
CA ILE A 101 -16.21 -2.77 -11.95
C ILE A 101 -16.92 -1.89 -12.98
N VAL A 102 -16.12 -1.04 -13.64
CA VAL A 102 -16.60 -0.13 -14.66
C VAL A 102 -15.88 -0.32 -15.98
N LYS A 103 -16.66 -0.66 -17.00
CA LYS A 103 -16.20 -0.74 -18.36
C LYS A 103 -17.19 0.01 -19.24
N GLY A 104 -16.66 0.99 -19.96
CA GLY A 104 -17.51 1.77 -20.84
C GLY A 104 -18.61 2.43 -20.04
N ASN A 105 -19.83 2.40 -20.55
CA ASN A 105 -20.90 3.06 -19.81
C ASN A 105 -21.71 2.11 -18.91
N LYS A 106 -21.10 0.96 -18.62
CA LYS A 106 -21.66 -0.08 -17.78
C LYS A 106 -20.99 -0.24 -16.42
N LEU A 107 -21.80 -0.60 -15.43
CA LEU A 107 -21.37 -0.92 -14.07
C LEU A 107 -21.70 -2.38 -13.74
N TYR A 108 -20.72 -3.17 -13.35
CA TYR A 108 -20.94 -4.54 -12.98
C TYR A 108 -20.85 -4.67 -11.46
N ILE A 109 -21.97 -4.72 -10.75
CA ILE A 109 -21.87 -4.82 -9.28
C ILE A 109 -21.94 -6.24 -8.81
N LEU A 110 -21.12 -6.57 -7.82
CA LEU A 110 -21.14 -7.94 -7.30
C LEU A 110 -21.35 -7.92 -5.78
N VAL A 111 -22.48 -8.44 -5.30
CA VAL A 111 -22.74 -8.45 -3.85
C VAL A 111 -23.04 -9.81 -3.29
N GLY A 112 -22.91 -9.91 -1.97
CA GLY A 112 -23.21 -11.16 -1.32
C GLY A 112 -24.68 -11.15 -0.99
N SER A 113 -25.40 -12.26 -1.15
CA SER A 113 -26.81 -12.23 -0.78
C SER A 113 -27.19 -13.32 0.16
N PHE A 114 -27.85 -12.93 1.23
CA PHE A 114 -28.31 -13.89 2.21
C PHE A 114 -29.76 -13.66 2.55
N ASN A 115 -30.39 -14.76 2.97
CA ASN A 115 -31.81 -14.85 3.24
C ASN A 115 -32.26 -14.76 4.73
N LYS A 116 -31.71 -15.61 5.59
CA LYS A 116 -32.13 -15.58 6.98
C LYS A 116 -31.15 -15.83 8.12
N THR A 117 -29.89 -16.19 7.81
CA THR A 117 -28.89 -16.43 8.85
C THR A 117 -28.64 -15.23 9.72
N ARG A 118 -28.50 -15.47 11.01
CA ARG A 118 -28.22 -14.36 11.93
C ARG A 118 -26.77 -14.33 12.42
N ASN A 119 -26.00 -15.34 12.04
CA ASN A 119 -24.56 -15.31 12.30
C ASN A 119 -23.84 -14.95 11.01
N SER A 120 -22.59 -14.52 11.16
CA SER A 120 -21.76 -14.12 10.02
C SER A 120 -21.20 -15.26 9.13
N TRP A 121 -20.91 -14.87 7.89
CA TRP A 121 -20.65 -15.81 6.80
C TRP A 121 -19.59 -16.89 6.95
N THR A 122 -18.48 -16.61 7.61
CA THR A 122 -17.48 -17.64 7.67
C THR A 122 -17.95 -18.76 8.57
N GLN A 123 -18.82 -18.44 9.52
CA GLN A 123 -19.27 -19.47 10.46
C GLN A 123 -20.56 -20.23 10.07
N HIS A 124 -21.04 -20.06 8.83
CA HIS A 124 -22.27 -20.74 8.38
C HIS A 124 -22.09 -22.26 8.33
N ARG A 125 -23.18 -23.01 8.44
CA ARG A 125 -23.04 -24.47 8.42
C ARG A 125 -22.77 -24.98 7.00
N ASP A 126 -23.43 -24.41 6.01
CA ASP A 126 -23.14 -24.70 4.62
C ASP A 126 -23.37 -23.39 3.92
N GLY A 127 -23.58 -23.44 2.61
CA GLY A 127 -23.75 -22.21 1.84
C GLY A 127 -25.17 -21.99 1.40
N SER A 128 -26.04 -22.79 1.96
CA SER A 128 -27.44 -22.76 1.57
C SER A 128 -28.28 -21.46 1.76
N ASP A 129 -27.86 -20.47 2.55
CA ASP A 129 -28.67 -19.27 2.42
C ASP A 129 -27.86 -18.14 1.77
N TRP A 130 -26.71 -18.50 1.20
CA TRP A 130 -25.88 -17.53 0.51
C TRP A 130 -25.84 -17.66 -1.00
N GLU A 131 -25.74 -16.53 -1.69
CA GLU A 131 -25.69 -16.48 -3.13
C GLU A 131 -24.87 -15.33 -3.60
N PRO A 132 -23.94 -15.58 -4.51
CA PRO A 132 -23.12 -14.50 -5.09
C PRO A 132 -23.88 -13.86 -6.25
N LEU A 133 -24.34 -12.62 -6.13
CA LEU A 133 -25.10 -11.99 -7.21
C LEU A 133 -24.30 -11.02 -8.10
N LEU A 134 -24.56 -11.09 -9.40
CA LEU A 134 -23.95 -10.19 -10.37
C LEU A 134 -25.06 -9.32 -10.95
N VAL A 135 -24.86 -8.00 -10.90
CA VAL A 135 -25.84 -7.06 -11.43
C VAL A 135 -25.16 -6.01 -12.28
N VAL A 136 -25.74 -5.69 -13.43
CA VAL A 136 -25.20 -4.78 -14.41
C VAL A 136 -26.13 -3.59 -14.55
N GLY A 137 -25.52 -2.43 -14.66
CA GLY A 137 -26.18 -1.15 -14.85
C GLY A 137 -25.52 -0.39 -16.01
N GLU A 138 -26.28 0.46 -16.68
CA GLU A 138 -25.79 1.13 -17.88
C GLU A 138 -26.05 2.60 -17.69
N VAL A 139 -25.00 3.44 -17.78
CA VAL A 139 -25.22 4.88 -17.64
C VAL A 139 -25.58 5.48 -19.00
N THR A 140 -26.71 6.17 -18.99
CA THR A 140 -27.22 6.84 -20.15
C THR A 140 -27.26 8.29 -19.78
N LYS A 141 -26.19 8.95 -20.22
CA LYS A 141 -25.87 10.34 -19.93
C LYS A 141 -26.35 11.25 -21.05
N SER A 142 -27.66 11.31 -21.35
CA SER A 142 -28.13 12.29 -22.35
C SER A 142 -28.12 13.67 -21.78
N ALA A 143 -28.33 14.67 -22.61
CA ALA A 143 -28.35 16.01 -22.05
C ALA A 143 -29.67 16.72 -22.26
N ALA A 144 -29.52 18.00 -22.55
CA ALA A 144 -30.59 18.95 -22.79
C ALA A 144 -29.85 20.30 -22.75
N ASN A 145 -30.56 21.33 -23.16
CA ASN A 145 -30.01 22.68 -23.30
C ASN A 145 -29.09 23.14 -22.16
N GLY A 146 -27.78 23.00 -22.42
CA GLY A 146 -26.77 23.37 -21.45
C GLY A 146 -27.15 22.74 -20.11
N LYS A 147 -27.27 21.42 -20.14
CA LYS A 147 -27.62 20.69 -18.95
C LYS A 147 -27.70 19.27 -19.34
N THR A 148 -26.63 18.56 -19.03
CA THR A 148 -26.58 17.16 -19.25
C THR A 148 -27.57 16.51 -18.25
N THR A 149 -27.90 15.24 -18.45
CA THR A 149 -28.67 14.51 -17.45
C THR A 149 -28.28 13.08 -17.67
N ALA A 150 -28.80 12.21 -16.83
CA ALA A 150 -28.46 10.84 -17.06
C ALA A 150 -29.33 9.93 -16.27
N THR A 151 -29.41 8.69 -16.75
CA THR A 151 -30.14 7.61 -16.09
C THR A 151 -29.26 6.38 -15.97
N ILE A 152 -29.60 5.54 -15.02
CA ILE A 152 -28.86 4.33 -14.86
C ILE A 152 -29.97 3.33 -14.77
N SER A 153 -30.02 2.40 -15.71
CA SER A 153 -31.06 1.40 -15.60
C SER A 153 -30.31 0.23 -14.99
N TRP A 154 -30.89 -0.42 -13.98
CA TRP A 154 -30.21 -1.54 -13.32
C TRP A 154 -30.91 -2.78 -13.79
N GLY A 155 -30.21 -3.89 -13.93
CA GLY A 155 -30.83 -5.10 -14.45
C GLY A 155 -31.15 -6.10 -13.37
N LYS A 156 -31.85 -7.16 -13.73
CA LYS A 156 -32.17 -8.15 -12.73
C LYS A 156 -30.82 -8.70 -12.36
N PRO A 157 -30.66 -9.11 -11.09
CA PRO A 157 -29.40 -9.67 -10.60
C PRO A 157 -29.33 -11.10 -11.06
N VAL A 158 -28.12 -11.60 -11.25
CA VAL A 158 -27.88 -12.96 -11.63
C VAL A 158 -26.95 -13.59 -10.63
N SER A 159 -27.33 -14.80 -10.22
CA SER A 159 -26.59 -15.61 -9.27
C SER A 159 -25.39 -16.28 -9.95
N LEU A 160 -24.22 -16.20 -9.32
CA LEU A 160 -23.01 -16.81 -9.85
C LEU A 160 -22.69 -18.17 -9.21
N LYS A 161 -23.55 -18.67 -8.34
CA LYS A 161 -23.29 -19.94 -7.65
C LYS A 161 -23.00 -21.21 -8.48
N PRO A 162 -23.70 -21.42 -9.61
CA PRO A 162 -23.43 -22.60 -10.47
C PRO A 162 -22.00 -22.61 -11.07
N LEU A 163 -21.31 -21.46 -11.07
CA LEU A 163 -19.95 -21.40 -11.56
C LEU A 163 -18.89 -21.48 -10.45
N PHE A 164 -19.28 -21.83 -9.20
CA PHE A 164 -18.37 -21.88 -8.02
C PHE A 164 -18.06 -23.30 -7.75
N PRO A 165 -16.81 -23.68 -7.92
CA PRO A 165 -16.39 -25.05 -7.67
C PRO A 165 -16.64 -25.44 -6.23
N ALA A 166 -16.94 -26.72 -5.97
CA ALA A 166 -17.12 -27.16 -4.59
C ALA A 166 -15.76 -27.45 -3.92
N GLU A 167 -14.77 -27.69 -4.77
CA GLU A 167 -13.41 -27.97 -4.35
C GLU A 167 -12.35 -26.96 -4.86
N PHE A 168 -11.42 -26.53 -4.01
CA PHE A 168 -10.21 -25.84 -4.46
C PHE A 168 -9.06 -26.63 -3.92
N ASP A 169 -8.39 -27.35 -4.81
CA ASP A 169 -7.24 -28.08 -4.38
C ASP A 169 -7.64 -28.94 -3.20
N GLY A 170 -8.85 -29.47 -3.26
CA GLY A 170 -9.27 -30.29 -2.15
C GLY A 170 -9.74 -29.45 -0.96
N ILE A 171 -9.70 -28.12 -1.03
CA ILE A 171 -10.32 -27.27 0.01
C ILE A 171 -11.84 -27.29 -0.23
N LEU A 172 -12.63 -27.87 0.67
CA LEU A 172 -14.08 -27.78 0.46
C LEU A 172 -14.59 -26.31 0.50
N THR A 173 -15.35 -25.89 -0.51
CA THR A 173 -15.82 -24.49 -0.53
C THR A 173 -17.18 -24.29 0.07
N LYS A 174 -17.29 -23.25 0.87
CA LYS A 174 -18.52 -22.87 1.49
C LYS A 174 -19.14 -21.71 0.73
N GLU A 175 -18.55 -20.52 0.77
CA GLU A 175 -19.16 -19.37 0.08
C GLU A 175 -18.15 -18.35 -0.36
N PHE A 176 -18.53 -17.46 -1.27
CA PHE A 176 -17.63 -16.36 -1.66
C PHE A 176 -18.28 -15.00 -1.78
N VAL A 177 -17.43 -13.99 -1.75
CA VAL A 177 -17.89 -12.63 -1.94
C VAL A 177 -16.77 -11.88 -2.65
N GLY A 178 -17.13 -10.81 -3.37
CA GLY A 178 -16.13 -9.94 -3.95
C GLY A 178 -15.32 -9.30 -2.83
N GLY A 179 -14.22 -8.66 -3.18
CA GLY A 179 -13.34 -8.08 -2.17
C GLY A 179 -13.86 -6.86 -1.44
N VAL A 180 -14.86 -6.22 -2.05
CA VAL A 180 -15.46 -4.98 -1.55
C VAL A 180 -14.78 -3.74 -2.13
N GLY A 181 -15.57 -2.89 -2.75
CA GLY A 181 -15.05 -1.65 -3.31
C GLY A 181 -14.74 -1.76 -4.79
N ALA A 182 -13.87 -0.91 -5.31
CA ALA A 182 -13.63 -0.94 -6.73
C ALA A 182 -12.67 -2.02 -7.22
N ALA A 183 -13.07 -2.78 -8.21
CA ALA A 183 -12.12 -3.71 -8.84
C ALA A 183 -11.83 -3.01 -10.16
N ILE A 184 -11.36 -3.75 -11.18
CA ILE A 184 -10.94 -3.13 -12.44
C ILE A 184 -11.24 -3.89 -13.74
N VAL A 185 -10.83 -3.24 -14.84
CA VAL A 185 -10.79 -3.85 -16.17
C VAL A 185 -9.35 -3.93 -16.47
N GLY A 186 -8.88 -5.11 -16.81
CA GLY A 186 -7.47 -5.35 -17.12
C GLY A 186 -7.03 -4.60 -18.38
N SER A 187 -5.76 -4.29 -18.47
CA SER A 187 -5.33 -3.69 -19.71
C SER A 187 -5.63 -4.58 -20.94
N ASN A 188 -5.88 -5.89 -20.74
CA ASN A 188 -6.21 -6.83 -21.81
C ASN A 188 -7.72 -6.88 -21.94
N GLY A 189 -8.35 -5.94 -21.24
CA GLY A 189 -9.79 -5.80 -21.30
C GLY A 189 -10.57 -6.73 -20.34
N ASN A 190 -9.88 -7.60 -19.59
CA ASN A 190 -10.65 -8.47 -18.70
C ASN A 190 -11.33 -7.71 -17.61
N LEU A 191 -12.44 -8.28 -17.20
CA LEU A 191 -13.15 -7.89 -16.01
C LEU A 191 -12.49 -8.69 -14.91
N VAL A 192 -11.73 -8.08 -14.00
CA VAL A 192 -11.20 -8.93 -12.88
C VAL A 192 -11.73 -8.55 -11.48
N TYR A 193 -12.19 -9.55 -10.75
CA TYR A 193 -12.72 -9.39 -9.41
C TYR A 193 -11.83 -10.14 -8.46
N PRO A 194 -11.33 -9.43 -7.47
CA PRO A 194 -10.64 -10.06 -6.36
C PRO A 194 -11.83 -10.57 -5.56
N VAL A 195 -11.77 -11.79 -5.02
CA VAL A 195 -12.88 -12.37 -4.28
C VAL A 195 -12.34 -13.05 -2.99
N GLN A 196 -13.15 -13.07 -1.93
CA GLN A 196 -12.75 -13.79 -0.73
C GLN A 196 -13.63 -15.03 -0.56
N ILE A 197 -13.01 -16.19 -0.37
CA ILE A 197 -13.66 -17.48 -0.23
C ILE A 197 -13.57 -18.02 1.19
N ALA A 198 -14.70 -18.44 1.76
CA ALA A 198 -14.64 -19.13 3.02
C ALA A 198 -14.73 -20.64 2.70
N ASP A 199 -13.90 -21.49 3.28
CA ASP A 199 -14.08 -22.93 3.07
C ASP A 199 -15.10 -23.47 4.08
N MET A 200 -15.49 -24.75 3.92
CA MET A 200 -16.38 -25.40 4.88
C MET A 200 -15.52 -25.32 6.12
N GLY A 201 -16.02 -24.76 7.22
CA GLY A 201 -15.11 -24.63 8.35
C GLY A 201 -14.59 -23.25 8.73
N GLY A 202 -14.76 -22.23 7.89
CA GLY A 202 -14.41 -20.90 8.33
C GLY A 202 -13.08 -20.30 7.97
N ARG A 203 -12.20 -21.10 7.39
CA ARG A 203 -10.94 -20.58 6.88
C ARG A 203 -11.27 -19.68 5.72
N VAL A 204 -10.77 -18.45 5.75
CA VAL A 204 -11.02 -17.54 4.66
C VAL A 204 -9.77 -17.42 3.75
N PHE A 205 -9.95 -17.02 2.51
CA PHE A 205 -8.82 -16.84 1.60
C PHE A 205 -9.24 -16.13 0.28
N THR A 206 -8.25 -15.62 -0.42
CA THR A 206 -8.41 -14.72 -1.54
C THR A 206 -8.06 -15.32 -2.92
N LYS A 207 -8.78 -14.93 -3.98
CA LYS A 207 -8.52 -15.38 -5.38
C LYS A 207 -9.02 -14.34 -6.38
N ILE A 208 -8.68 -14.54 -7.67
CA ILE A 208 -9.10 -13.66 -8.77
C ILE A 208 -10.15 -14.37 -9.62
N MET A 209 -11.32 -13.76 -9.79
CA MET A 209 -12.43 -14.32 -10.62
C MET A 209 -12.52 -13.34 -11.75
N TYR A 210 -12.25 -13.78 -12.96
CA TYR A 210 -12.22 -12.82 -14.07
C TYR A 210 -13.08 -13.22 -15.26
N SER A 211 -13.24 -12.25 -16.15
CA SER A 211 -14.06 -12.40 -17.34
C SER A 211 -13.43 -11.69 -18.54
N GLU A 212 -13.36 -12.48 -19.60
CA GLU A 212 -12.71 -12.13 -20.82
C GLU A 212 -13.78 -12.12 -21.84
N ASP A 213 -15.02 -12.10 -21.44
CA ASP A 213 -16.11 -12.09 -22.42
C ASP A 213 -17.18 -11.27 -21.80
N ASP A 214 -16.71 -10.13 -21.32
CA ASP A 214 -17.55 -9.13 -20.76
C ASP A 214 -18.70 -9.56 -19.86
N GLY A 215 -18.54 -10.58 -19.04
CA GLY A 215 -19.57 -10.86 -18.05
C GLY A 215 -20.32 -12.16 -18.16
N ASN A 216 -20.17 -12.71 -19.34
CA ASN A 216 -20.79 -13.92 -19.76
C ASN A 216 -20.19 -15.17 -19.13
N THR A 217 -18.87 -15.24 -18.99
CA THR A 217 -18.32 -16.39 -18.29
C THR A 217 -17.48 -15.84 -17.16
N TRP A 218 -17.14 -16.67 -16.19
CA TRP A 218 -16.31 -16.22 -15.09
C TRP A 218 -15.44 -17.42 -14.81
N LYS A 219 -14.17 -17.18 -14.55
CA LYS A 219 -13.26 -18.26 -14.27
C LYS A 219 -12.57 -17.98 -12.97
N PHE A 220 -12.39 -19.03 -12.15
CA PHE A 220 -11.69 -18.87 -10.88
C PHE A 220 -10.23 -19.22 -11.11
N ALA A 221 -9.36 -18.23 -11.05
CA ALA A 221 -7.96 -18.47 -11.37
C ALA A 221 -7.25 -19.37 -10.35
N GLU A 222 -6.28 -20.12 -10.84
CA GLU A 222 -5.44 -21.02 -10.07
C GLU A 222 -4.90 -20.54 -8.67
N GLY A 223 -4.22 -19.41 -8.62
CA GLY A 223 -3.66 -18.99 -7.34
C GLY A 223 -4.58 -18.50 -6.22
N ARG A 224 -3.99 -18.40 -5.02
CA ARG A 224 -4.67 -17.92 -3.81
C ARG A 224 -3.75 -17.29 -2.77
N SER A 225 -4.37 -16.66 -1.77
CA SER A 225 -3.63 -16.00 -0.71
C SER A 225 -3.31 -17.02 0.30
N LYS A 226 -2.83 -16.55 1.44
CA LYS A 226 -2.65 -17.43 2.58
C LYS A 226 -3.99 -17.43 3.27
N PHE A 227 -4.21 -18.38 4.17
CA PHE A 227 -5.44 -18.33 4.95
C PHE A 227 -5.34 -17.14 5.89
N GLY A 228 -6.47 -16.52 6.16
CA GLY A 228 -6.50 -15.39 7.06
C GLY A 228 -6.55 -14.05 6.34
N CYS A 229 -6.58 -14.14 5.00
CA CYS A 229 -6.69 -13.06 4.05
C CYS A 229 -8.13 -12.92 3.57
N SER A 230 -8.66 -11.73 3.71
CA SER A 230 -10.04 -11.48 3.36
C SER A 230 -10.11 -10.11 2.73
N GLU A 231 -11.26 -9.79 2.13
CA GLU A 231 -11.51 -8.53 1.45
C GLU A 231 -10.31 -8.07 0.64
N PRO A 232 -9.92 -8.76 -0.41
CA PRO A 232 -8.78 -8.32 -1.20
C PRO A 232 -9.14 -7.12 -2.07
N ALA A 233 -8.18 -6.24 -2.33
CA ALA A 233 -8.40 -5.14 -3.29
C ALA A 233 -7.42 -5.41 -4.44
N VAL A 234 -7.64 -4.79 -5.60
CA VAL A 234 -6.79 -5.12 -6.71
C VAL A 234 -6.69 -4.04 -7.70
N LEU A 235 -5.53 -4.03 -8.32
CA LEU A 235 -5.17 -3.09 -9.32
C LEU A 235 -4.10 -3.74 -10.15
N GLU A 236 -3.79 -3.11 -11.27
CA GLU A 236 -2.81 -3.60 -12.22
C GLU A 236 -1.58 -2.74 -12.21
N TRP A 237 -0.41 -3.35 -12.11
CA TRP A 237 0.84 -2.61 -12.12
C TRP A 237 1.78 -3.28 -13.10
N GLU A 238 2.43 -2.47 -13.95
CA GLU A 238 3.35 -2.94 -14.98
C GLU A 238 3.13 -4.39 -15.39
N GLY A 239 1.95 -4.62 -15.97
CA GLY A 239 1.49 -5.89 -16.50
C GLY A 239 1.10 -6.87 -15.42
N LYS A 240 1.28 -6.47 -14.17
CA LYS A 240 1.01 -7.40 -13.09
C LYS A 240 -0.25 -6.99 -12.37
N LEU A 241 -0.89 -7.95 -11.70
CA LEU A 241 -2.07 -7.70 -10.85
C LEU A 241 -1.53 -7.71 -9.45
N ILE A 242 -1.81 -6.67 -8.69
CA ILE A 242 -1.31 -6.65 -7.34
C ILE A 242 -2.51 -6.64 -6.42
N ILE A 243 -2.51 -7.62 -5.51
CA ILE A 243 -3.62 -7.91 -4.62
C ILE A 243 -3.24 -7.70 -3.18
N ASN A 244 -3.76 -6.61 -2.63
CA ASN A 244 -3.62 -6.18 -1.25
C ASN A 244 -4.69 -6.79 -0.34
N ASN A 245 -4.31 -7.55 0.68
CA ASN A 245 -5.32 -8.20 1.51
C ASN A 245 -5.60 -7.66 2.90
N ARG A 246 -6.85 -7.81 3.33
CA ARG A 246 -7.18 -7.44 4.67
C ARG A 246 -6.70 -8.64 5.50
N VAL A 247 -6.08 -8.42 6.65
CA VAL A 247 -5.66 -9.55 7.51
C VAL A 247 -5.98 -9.31 8.99
N ASP A 248 -7.03 -9.95 9.49
CA ASP A 248 -7.36 -9.78 10.89
C ASP A 248 -6.26 -10.34 11.80
N GLY A 249 -5.80 -9.50 12.72
CA GLY A 249 -4.84 -9.94 13.72
C GLY A 249 -3.40 -9.89 13.27
N ASN A 250 -3.14 -9.57 12.01
CA ASN A 250 -1.75 -9.42 11.60
C ASN A 250 -1.48 -8.32 10.61
N ARG A 251 -0.28 -8.28 10.03
CA ARG A 251 0.07 -7.20 9.08
C ARG A 251 -0.51 -7.52 7.73
N ARG A 252 -0.62 -6.54 6.86
CA ARG A 252 -1.32 -6.83 5.62
C ARG A 252 -0.39 -7.48 4.65
N LEU A 253 -0.92 -8.52 4.03
CA LEU A 253 -0.23 -9.39 3.11
C LEU A 253 -0.46 -8.94 1.66
N VAL A 254 0.60 -8.82 0.87
CA VAL A 254 0.42 -8.44 -0.52
C VAL A 254 1.05 -9.38 -1.50
N TYR A 255 0.29 -9.72 -2.53
CA TYR A 255 0.78 -10.62 -3.54
C TYR A 255 0.75 -10.00 -4.91
N GLU A 256 1.71 -10.40 -5.76
CA GLU A 256 1.73 -9.98 -7.17
C GLU A 256 1.55 -11.21 -8.07
N SER A 257 0.94 -11.03 -9.24
CA SER A 257 0.69 -12.12 -10.13
C SER A 257 0.73 -11.59 -11.55
N SER A 258 1.39 -12.34 -12.41
CA SER A 258 1.62 -11.88 -13.77
C SER A 258 0.82 -12.67 -14.82
N ASP A 259 0.07 -13.65 -14.34
CA ASP A 259 -0.76 -14.47 -15.21
C ASP A 259 -2.24 -14.40 -14.82
N MET A 260 -2.74 -13.19 -14.61
CA MET A 260 -4.14 -13.07 -14.28
C MET A 260 -4.46 -14.03 -13.13
N GLY A 261 -3.60 -14.11 -12.13
CA GLY A 261 -3.91 -14.93 -10.98
C GLY A 261 -3.60 -16.41 -10.93
N LYS A 262 -3.09 -16.98 -12.04
CA LYS A 262 -2.73 -18.40 -12.08
C LYS A 262 -1.68 -18.76 -10.99
N THR A 263 -0.70 -17.87 -10.81
CA THR A 263 0.35 -17.97 -9.79
C THR A 263 0.52 -16.66 -8.98
N TRP A 264 0.54 -16.74 -7.65
CA TRP A 264 0.74 -15.57 -6.83
C TRP A 264 2.14 -15.54 -6.19
N VAL A 265 2.78 -14.38 -6.19
CA VAL A 265 4.04 -14.26 -5.46
C VAL A 265 3.84 -13.26 -4.32
N GLU A 266 4.33 -13.55 -3.11
CA GLU A 266 4.18 -12.53 -2.08
C GLU A 266 5.17 -11.42 -2.36
N ALA A 267 4.62 -10.23 -2.44
CA ALA A 267 5.35 -9.01 -2.71
C ALA A 267 6.37 -8.54 -1.67
N LEU A 268 7.27 -9.42 -1.25
CA LEU A 268 8.23 -9.10 -0.19
C LEU A 268 9.26 -8.05 -0.46
N GLY A 269 9.42 -7.63 -1.70
CA GLY A 269 10.37 -6.57 -1.99
C GLY A 269 9.67 -5.25 -2.22
N THR A 270 8.39 -5.16 -1.89
CA THR A 270 7.62 -3.92 -2.16
C THR A 270 6.58 -3.55 -1.16
N LEU A 271 5.43 -4.20 -1.22
CA LEU A 271 4.33 -3.71 -0.44
C LEU A 271 3.86 -4.62 0.67
N SER A 272 4.16 -5.92 0.57
CA SER A 272 3.70 -6.85 1.62
C SER A 272 4.14 -6.42 3.01
N HIS A 273 3.25 -6.58 4.00
CA HIS A 273 3.53 -6.26 5.39
C HIS A 273 3.83 -4.80 5.79
N VAL A 274 3.76 -3.91 4.83
CA VAL A 274 4.04 -2.54 5.12
C VAL A 274 2.91 -1.97 5.96
N TRP A 275 1.69 -2.34 5.57
CA TRP A 275 0.51 -1.76 6.19
C TRP A 275 -0.12 -2.69 7.21
N THR A 276 -0.89 -2.09 8.11
CA THR A 276 -1.43 -2.91 9.16
C THR A 276 -2.70 -2.31 9.78
N ASN A 277 -3.22 -2.95 10.82
CA ASN A 277 -4.52 -2.62 11.40
C ASN A 277 -4.53 -1.78 12.66
N SER A 278 -3.37 -1.66 13.28
CA SER A 278 -3.21 -0.95 14.56
C SER A 278 -1.75 -0.91 14.90
N PRO A 279 -1.34 0.06 15.69
CA PRO A 279 0.05 0.14 16.13
C PRO A 279 0.60 -1.25 16.53
N THR A 280 -0.13 -2.02 17.34
CA THR A 280 0.30 -3.35 17.79
C THR A 280 -0.11 -4.46 16.82
N SER A 281 -0.76 -4.08 15.75
CA SER A 281 -1.06 -4.99 14.67
C SER A 281 -1.85 -6.30 14.97
N ASN A 282 -2.40 -6.40 16.18
CA ASN A 282 -3.24 -7.55 16.59
C ASN A 282 -4.75 -7.26 16.73
N GLN A 283 -5.26 -6.31 15.96
CA GLN A 283 -6.66 -5.90 16.05
C GLN A 283 -7.45 -6.34 14.79
N GLN A 284 -8.77 -6.13 14.74
CA GLN A 284 -9.45 -6.60 13.56
C GLN A 284 -9.05 -5.62 12.53
N ASP A 285 -8.90 -6.06 11.31
CA ASP A 285 -8.38 -5.19 10.28
C ASP A 285 -9.54 -4.54 9.62
N CYS A 286 -9.30 -3.84 8.53
CA CYS A 286 -10.36 -3.04 8.02
C CYS A 286 -10.23 -2.89 6.53
N GLN A 287 -11.35 -2.80 5.80
CA GLN A 287 -11.28 -2.67 4.35
C GLN A 287 -10.39 -1.46 3.89
N SER A 288 -9.76 -1.54 2.71
CA SER A 288 -8.95 -0.42 2.13
C SER A 288 -9.28 -0.18 0.66
N SER A 289 -8.98 0.99 0.12
CA SER A 289 -9.16 1.11 -1.32
C SER A 289 -7.75 1.13 -1.83
N PHE A 290 -7.54 0.48 -2.95
CA PHE A 290 -6.21 0.40 -3.54
C PHE A 290 -6.53 0.67 -5.00
N VAL A 291 -6.13 1.85 -5.49
CA VAL A 291 -6.42 2.29 -6.87
C VAL A 291 -5.25 2.86 -7.72
N ALA A 292 -5.04 2.30 -8.91
CA ALA A 292 -4.06 2.88 -9.86
C ALA A 292 -4.59 4.16 -10.57
N VAL A 293 -3.89 5.30 -10.41
CA VAL A 293 -4.20 6.57 -11.12
C VAL A 293 -2.94 7.16 -11.76
N THR A 294 -3.09 8.20 -12.59
CA THR A 294 -1.91 8.83 -13.20
C THR A 294 -1.90 10.23 -12.71
N ILE A 295 -0.84 10.65 -12.06
CA ILE A 295 -0.77 12.03 -11.64
C ILE A 295 0.46 12.67 -12.19
N GLU A 296 0.25 13.81 -12.82
CA GLU A 296 1.32 14.63 -13.36
C GLU A 296 2.28 13.78 -14.20
N GLY A 297 1.69 13.05 -15.13
CA GLY A 297 2.46 12.27 -16.05
C GLY A 297 2.84 10.94 -15.51
N LYS A 298 2.63 10.72 -14.22
CA LYS A 298 3.12 9.49 -13.60
C LYS A 298 2.06 8.60 -12.92
N ARG A 299 2.16 7.29 -13.18
CA ARG A 299 1.30 6.27 -12.60
C ARG A 299 1.74 6.02 -11.19
N VAL A 300 0.85 6.18 -10.22
CA VAL A 300 1.19 5.80 -8.84
C VAL A 300 0.06 4.89 -8.38
N MET A 301 0.14 4.29 -7.22
CA MET A 301 -1.01 3.58 -6.67
C MET A 301 -1.54 4.45 -5.51
N LEU A 302 -2.82 4.37 -5.18
CA LEU A 302 -3.30 5.17 -4.05
C LEU A 302 -3.88 4.21 -3.08
N PHE A 303 -3.54 4.34 -1.79
CA PHE A 303 -4.03 3.40 -0.76
C PHE A 303 -4.59 4.11 0.51
N THR A 304 -5.81 3.72 0.91
CA THR A 304 -6.43 4.26 2.11
C THR A 304 -6.62 3.20 3.19
N HIS A 305 -6.37 3.58 4.43
CA HIS A 305 -6.51 2.71 5.58
C HIS A 305 -6.45 3.60 6.83
N PRO A 306 -7.33 3.35 7.79
CA PRO A 306 -7.31 4.07 9.07
C PRO A 306 -6.19 3.53 9.98
N LEU A 307 -5.70 4.35 10.93
CA LEU A 307 -4.67 3.91 11.86
C LEU A 307 -5.23 3.05 12.98
N ASN A 308 -6.50 3.28 13.34
CA ASN A 308 -7.15 2.51 14.38
C ASN A 308 -6.44 2.64 15.73
N LEU A 309 -5.94 3.84 16.04
CA LEU A 309 -5.23 4.11 17.29
C LEU A 309 -6.09 3.71 18.48
N LYS A 310 -7.40 3.83 18.32
CA LYS A 310 -8.34 3.44 19.35
C LYS A 310 -8.53 1.93 19.36
N GLY A 311 -8.44 1.27 18.20
CA GLY A 311 -8.44 -0.18 18.22
C GLY A 311 -9.77 -0.84 17.98
N ARG A 312 -9.77 -2.17 17.82
CA ARG A 312 -10.99 -2.89 17.52
C ARG A 312 -11.62 -2.33 16.24
N TRP A 313 -12.91 -1.97 16.24
CA TRP A 313 -13.54 -1.49 14.96
C TRP A 313 -13.70 0.02 14.90
N MET A 314 -13.12 0.76 15.85
CA MET A 314 -13.32 2.21 15.87
C MET A 314 -12.81 2.80 14.57
N ARG A 315 -11.63 2.37 14.15
CA ARG A 315 -11.13 2.79 12.88
C ARG A 315 -11.09 4.30 12.81
N ASP A 316 -10.38 4.88 13.75
CA ASP A 316 -10.11 6.31 13.73
C ASP A 316 -8.97 6.59 12.75
N ARG A 317 -8.86 7.84 12.36
CA ARG A 317 -7.80 8.35 11.50
C ARG A 317 -7.54 7.65 10.16
N LEU A 318 -8.41 7.90 9.22
CA LEU A 318 -8.24 7.32 7.92
C LEU A 318 -6.98 7.96 7.33
N HIS A 319 -6.09 7.23 6.67
CA HIS A 319 -4.94 7.87 6.01
C HIS A 319 -4.94 7.63 4.53
N LEU A 320 -4.12 8.39 3.81
CA LEU A 320 -4.00 8.21 2.37
C LEU A 320 -2.54 8.09 1.99
N TRP A 321 -2.22 7.08 1.20
CA TRP A 321 -0.83 6.86 0.86
C TRP A 321 -0.71 6.75 -0.61
N MET A 322 0.42 7.22 -1.13
CA MET A 322 0.72 7.15 -2.53
C MET A 322 2.10 6.55 -2.71
N THR A 323 2.19 5.59 -3.63
CA THR A 323 3.43 4.86 -3.90
C THR A 323 3.64 4.50 -5.37
N ASP A 324 4.89 4.45 -5.79
CA ASP A 324 5.24 4.11 -7.16
C ASP A 324 5.93 2.76 -7.08
N ASN A 325 5.53 2.05 -6.04
CA ASN A 325 6.01 0.73 -5.81
C ASN A 325 7.45 0.80 -5.43
N GLN A 326 7.97 2.01 -5.25
CA GLN A 326 9.35 2.14 -4.88
C GLN A 326 9.34 3.00 -3.61
N ARG A 327 8.85 4.24 -3.72
CA ARG A 327 8.76 5.09 -2.55
C ARG A 327 7.37 5.00 -2.00
N ILE A 328 7.21 5.30 -0.72
CA ILE A 328 5.84 5.34 -0.18
C ILE A 328 5.60 6.62 0.59
N PHE A 329 4.78 7.55 0.07
CA PHE A 329 4.43 8.83 0.76
C PHE A 329 3.06 8.81 1.49
N ASP A 330 3.09 9.31 2.72
CA ASP A 330 1.91 9.49 3.53
C ASP A 330 1.40 10.93 3.34
N VAL A 331 0.25 10.99 2.68
CA VAL A 331 -0.39 12.23 2.29
C VAL A 331 -0.95 12.93 3.51
N GLY A 332 -1.53 12.13 4.40
CA GLY A 332 -2.10 12.64 5.64
C GLY A 332 -3.37 11.93 6.06
N GLN A 333 -4.09 12.53 7.02
CA GLN A 333 -5.38 11.95 7.41
C GLN A 333 -6.51 12.55 6.54
N ILE A 334 -7.31 11.74 5.85
CA ILE A 334 -8.37 12.38 5.10
C ILE A 334 -9.62 12.68 5.95
N SER A 335 -9.67 12.06 7.12
CA SER A 335 -10.73 12.29 8.10
C SER A 335 -10.40 13.31 9.22
N ILE A 336 -11.45 13.83 9.80
CA ILE A 336 -11.34 14.88 10.79
C ILE A 336 -11.08 14.27 12.15
N GLY A 337 -10.25 14.96 12.92
CA GLY A 337 -9.76 14.59 14.23
C GLY A 337 -9.66 13.12 14.69
N ASP A 338 -10.22 12.89 15.87
CA ASP A 338 -10.28 11.56 16.41
C ASP A 338 -11.63 10.89 16.06
N GLU A 339 -12.25 11.34 14.98
CA GLU A 339 -13.52 10.77 14.54
C GLU A 339 -13.28 9.30 14.16
N ASN A 340 -14.27 8.43 14.29
CA ASN A 340 -14.07 7.09 13.81
C ASN A 340 -14.62 7.05 12.41
N SER A 341 -13.75 6.63 11.50
CA SER A 341 -14.02 6.55 10.09
C SER A 341 -14.44 5.14 9.78
N GLY A 342 -13.72 4.42 8.93
CA GLY A 342 -14.11 3.07 8.48
C GLY A 342 -13.74 2.79 7.03
N TYR A 343 -14.49 1.93 6.35
CA TYR A 343 -14.23 1.59 4.95
C TYR A 343 -14.26 2.87 4.08
N SER A 344 -13.31 3.07 3.17
CA SER A 344 -13.25 4.30 2.38
C SER A 344 -13.12 3.99 0.90
N SER A 345 -13.11 5.04 0.07
CA SER A 345 -12.99 4.93 -1.38
C SER A 345 -12.40 6.22 -1.94
N VAL A 346 -11.49 6.08 -2.90
CA VAL A 346 -10.85 7.26 -3.50
C VAL A 346 -11.02 7.31 -5.01
N LEU A 347 -11.23 8.49 -5.54
CA LEU A 347 -11.57 8.60 -6.94
C LEU A 347 -10.96 9.84 -7.57
N TYR A 348 -10.26 9.66 -8.69
CA TYR A 348 -9.60 10.76 -9.37
C TYR A 348 -10.37 10.98 -10.66
N LYS A 349 -10.91 12.18 -10.84
CA LYS A 349 -11.75 12.42 -12.01
C LYS A 349 -11.63 13.82 -12.59
N ASP A 350 -11.09 13.92 -13.79
CA ASP A 350 -11.00 15.22 -14.43
C ASP A 350 -10.18 16.09 -13.52
N ASP A 351 -9.02 15.57 -13.18
CA ASP A 351 -8.07 16.26 -12.32
C ASP A 351 -8.58 16.62 -10.94
N LYS A 352 -9.60 15.93 -10.46
CA LYS A 352 -10.00 16.23 -9.09
C LYS A 352 -9.96 15.03 -8.16
N LEU A 353 -9.32 15.13 -7.00
CA LEU A 353 -9.35 13.98 -6.08
C LEU A 353 -10.52 14.02 -5.07
N TYR A 354 -11.11 12.88 -4.78
CA TYR A 354 -12.30 12.86 -3.93
C TYR A 354 -12.25 11.65 -3.04
N SER A 355 -13.15 11.62 -2.06
CA SER A 355 -13.31 10.41 -1.26
C SER A 355 -14.73 10.21 -0.78
N LEU A 356 -15.11 8.96 -0.55
CA LEU A 356 -16.42 8.66 -0.01
C LEU A 356 -15.98 7.66 1.02
N HIS A 357 -16.05 8.03 2.28
CA HIS A 357 -15.67 7.06 3.30
C HIS A 357 -16.59 7.14 4.52
N GLU A 358 -16.66 6.07 5.28
CA GLU A 358 -17.45 6.03 6.52
C GLU A 358 -17.08 7.00 7.66
N ILE A 359 -18.10 7.37 8.43
CA ILE A 359 -17.93 8.00 9.76
C ILE A 359 -18.84 7.23 10.70
N ASN A 360 -18.39 7.03 11.92
CA ASN A 360 -19.12 6.21 12.87
C ASN A 360 -19.26 6.86 14.18
N THR A 361 -20.48 7.15 14.59
CA THR A 361 -20.71 7.67 15.93
C THR A 361 -21.75 6.81 16.64
N ASN A 362 -21.36 6.24 17.76
CA ASN A 362 -22.16 5.25 18.48
C ASN A 362 -22.70 4.19 17.53
N ASP A 363 -21.84 3.77 16.59
CA ASP A 363 -22.15 2.73 15.60
C ASP A 363 -23.39 3.00 14.73
N VAL A 364 -23.59 4.27 14.41
CA VAL A 364 -24.61 4.60 13.45
C VAL A 364 -23.73 5.20 12.42
N TYR A 365 -23.81 4.66 11.20
CA TYR A 365 -22.93 5.08 10.11
C TYR A 365 -23.47 5.99 8.98
N SER A 366 -22.58 6.90 8.57
CA SER A 366 -22.80 7.89 7.54
C SER A 366 -21.73 7.77 6.44
N LEU A 367 -22.00 8.24 5.23
CA LEU A 367 -20.92 8.37 4.25
C LEU A 367 -20.68 9.84 3.88
N VAL A 368 -19.46 10.31 4.09
CA VAL A 368 -19.09 11.67 3.75
C VAL A 368 -18.42 11.76 2.36
N PHE A 369 -18.75 12.77 1.57
CA PHE A 369 -18.14 12.94 0.25
C PHE A 369 -17.17 14.05 0.43
N VAL A 370 -15.91 13.77 0.16
CA VAL A 370 -14.84 14.70 0.51
C VAL A 370 -14.17 15.25 -0.72
N ARG A 371 -13.77 16.49 -0.66
CA ARG A 371 -13.01 17.08 -1.74
C ARG A 371 -11.53 17.29 -1.34
N PHE A 372 -10.66 16.46 -1.88
CA PHE A 372 -9.23 16.52 -1.56
C PHE A 372 -8.43 17.58 -2.25
N ILE A 373 -8.71 18.85 -1.98
CA ILE A 373 -7.94 19.89 -2.65
C ILE A 373 -6.57 19.78 -2.05
N GLY A 374 -6.48 19.84 -0.74
CA GLY A 374 -5.17 19.84 -0.11
C GLY A 374 -4.25 18.73 -0.54
N GLU A 375 -4.70 17.53 -0.27
CA GLU A 375 -4.00 16.30 -0.61
C GLU A 375 -3.48 16.27 -2.06
N LEU A 376 -4.33 16.63 -3.01
CA LEU A 376 -3.96 16.44 -4.41
C LEU A 376 -2.82 17.35 -4.65
N GLN A 377 -2.96 18.53 -4.12
CA GLN A 377 -1.97 19.53 -4.25
C GLN A 377 -0.63 19.00 -3.75
N LEU A 378 -0.65 18.43 -2.56
CA LEU A 378 0.53 17.87 -1.99
C LEU A 378 0.91 16.68 -2.87
N MET A 379 -0.07 15.91 -3.31
CA MET A 379 0.34 14.80 -4.11
C MET A 379 1.12 15.23 -5.37
N LYS A 380 0.68 16.26 -6.06
CA LYS A 380 1.39 16.63 -7.27
C LYS A 380 2.78 17.05 -6.91
N SER A 381 2.90 17.82 -5.85
CA SER A 381 4.20 18.29 -5.48
C SER A 381 5.22 17.16 -5.38
N VAL A 382 4.85 16.05 -4.75
CA VAL A 382 5.84 15.00 -4.64
C VAL A 382 5.98 14.17 -5.93
N VAL A 383 4.94 14.08 -6.73
CA VAL A 383 5.15 13.36 -7.98
C VAL A 383 6.15 14.17 -8.81
N ARG A 384 6.10 15.46 -8.59
CA ARG A 384 7.01 16.33 -9.30
C ARG A 384 8.41 16.05 -8.76
N THR A 385 8.56 16.04 -7.46
CA THR A 385 9.86 15.67 -6.97
C THR A 385 10.37 14.27 -7.45
N TRP A 386 9.50 13.26 -7.62
CA TRP A 386 10.05 11.94 -8.03
C TRP A 386 10.54 11.99 -9.46
N LYS A 387 9.71 12.56 -10.33
CA LYS A 387 10.07 12.71 -11.73
C LYS A 387 11.32 13.54 -11.79
N GLU A 388 11.22 14.72 -11.19
CA GLU A 388 12.33 15.67 -11.19
C GLU A 388 13.69 15.07 -10.87
N GLU A 389 13.77 14.18 -9.89
CA GLU A 389 15.04 13.63 -9.41
C GLU A 389 15.40 12.36 -10.21
N ASP A 390 14.41 11.53 -10.52
CA ASP A 390 14.67 10.33 -11.30
C ASP A 390 15.34 10.75 -12.58
N ASN A 391 14.75 11.73 -13.22
CA ASN A 391 15.23 12.24 -14.51
C ASN A 391 16.61 12.88 -14.42
N HIS A 392 16.79 13.70 -13.41
CA HIS A 392 18.07 14.30 -13.25
C HIS A 392 19.09 13.19 -13.29
N LEU A 393 19.02 12.34 -12.27
CA LEU A 393 19.95 11.26 -12.07
C LEU A 393 20.05 10.39 -13.27
N ALA A 394 18.95 10.23 -13.98
CA ALA A 394 19.01 9.35 -15.13
C ALA A 394 19.66 10.06 -16.28
N SER A 395 20.11 11.28 -16.05
CA SER A 395 20.57 12.09 -17.20
C SER A 395 21.98 12.55 -17.08
N ILE A 396 22.65 11.98 -16.09
CA ILE A 396 24.03 12.25 -15.80
C ILE A 396 24.84 11.32 -16.71
N CYS A 397 25.70 11.90 -17.52
CA CYS A 397 26.67 11.15 -18.31
C CYS A 397 27.72 10.54 -17.39
N THR A 398 27.59 9.26 -17.02
CA THR A 398 28.60 8.60 -16.19
C THR A 398 29.72 8.18 -17.09
N PRO A 399 30.84 7.78 -16.54
CA PRO A 399 32.03 7.54 -17.36
C PRO A 399 32.03 6.22 -18.12
N VAL A 400 32.69 6.26 -19.26
CA VAL A 400 32.73 5.12 -20.14
C VAL A 400 33.80 4.17 -19.64
N VAL A 401 33.39 2.94 -19.45
CA VAL A 401 34.18 1.87 -18.89
C VAL A 401 34.87 1.10 -19.99
N PRO A 402 36.18 0.97 -19.91
CA PRO A 402 36.95 0.29 -20.93
C PRO A 402 36.40 -1.11 -21.15
N ALA A 403 36.00 -1.36 -22.39
CA ALA A 403 35.38 -2.61 -22.76
C ALA A 403 36.32 -3.40 -23.69
N CYS A 411 29.42 8.61 -23.18
CA CYS A 411 28.72 8.21 -21.92
C CYS A 411 28.48 6.71 -21.60
N GLY A 412 28.83 6.33 -20.37
CA GLY A 412 28.63 5.00 -19.79
C GLY A 412 27.21 4.73 -19.35
N ALA A 413 26.94 3.53 -18.87
CA ALA A 413 25.60 3.20 -18.39
C ALA A 413 24.96 4.24 -17.46
N ALA A 414 23.64 4.36 -17.50
CA ALA A 414 22.96 5.29 -16.58
C ALA A 414 23.19 5.06 -15.09
N VAL A 415 23.11 6.15 -14.31
CA VAL A 415 23.00 6.04 -12.86
C VAL A 415 21.72 5.26 -12.68
N PRO A 416 21.76 4.20 -11.91
CA PRO A 416 20.57 3.40 -11.63
C PRO A 416 19.55 4.14 -10.75
N THR A 417 18.31 4.07 -11.22
CA THR A 417 17.17 4.68 -10.57
C THR A 417 16.01 3.71 -10.41
N ALA A 418 16.10 2.54 -11.03
CA ALA A 418 15.00 1.60 -10.93
C ALA A 418 15.03 1.11 -9.51
N GLY A 419 13.91 1.26 -8.80
CA GLY A 419 13.80 0.75 -7.42
C GLY A 419 14.72 1.50 -6.51
N LEU A 420 15.07 2.70 -6.93
CA LEU A 420 15.80 3.60 -6.07
C LEU A 420 14.75 4.11 -5.08
N VAL A 421 14.75 3.57 -3.87
CA VAL A 421 13.71 3.95 -2.89
C VAL A 421 13.87 5.29 -2.14
N GLY A 422 15.05 5.54 -1.58
CA GLY A 422 15.32 6.79 -0.89
C GLY A 422 16.75 7.26 -1.13
N PHE A 423 17.07 8.48 -0.68
CA PHE A 423 18.37 9.04 -0.94
C PHE A 423 18.61 10.25 -0.03
N LEU A 424 19.64 10.22 0.79
CA LEU A 424 19.97 11.33 1.69
C LEU A 424 21.17 12.05 1.13
N SER A 425 20.99 13.29 0.67
CA SER A 425 22.13 14.01 0.15
C SER A 425 22.38 15.29 0.93
N HIS A 426 22.32 16.41 0.23
CA HIS A 426 22.68 17.65 0.82
C HIS A 426 21.77 18.30 1.83
N SER A 427 20.47 18.13 1.66
CA SER A 427 19.56 18.84 2.55
C SER A 427 19.60 18.22 3.90
N ALA A 428 19.81 19.06 4.93
CA ALA A 428 19.96 18.59 6.29
C ALA A 428 20.13 19.70 7.27
N ASN A 429 20.15 19.31 8.53
CA ASN A 429 20.37 20.24 9.61
C ASN A 429 20.90 19.45 10.82
N GLY A 430 20.91 20.04 12.01
CA GLY A 430 21.38 19.31 13.16
C GLY A 430 20.62 18.05 13.63
N SER A 431 19.39 17.82 13.18
CA SER A 431 18.67 16.64 13.69
C SER A 431 17.84 15.86 12.65
N VAL A 432 17.91 16.26 11.41
CA VAL A 432 17.16 15.59 10.37
C VAL A 432 17.89 15.69 9.06
N TRP A 433 18.32 14.55 8.54
CA TRP A 433 18.88 14.47 7.24
C TRP A 433 17.64 14.17 6.47
N GLU A 434 17.24 15.01 5.50
CA GLU A 434 16.02 14.70 4.74
C GLU A 434 16.15 13.81 3.50
N ASP A 435 15.14 13.00 3.31
CA ASP A 435 15.07 12.12 2.17
C ASP A 435 14.81 12.98 0.96
N VAL A 436 15.56 12.78 -0.11
CA VAL A 436 15.32 13.56 -1.31
C VAL A 436 13.99 13.20 -1.97
N TYR A 437 13.56 11.96 -1.81
CA TYR A 437 12.32 11.55 -2.41
C TYR A 437 11.11 11.78 -1.47
N ARG A 438 11.35 12.62 -0.47
CA ARG A 438 10.35 13.14 0.48
C ARG A 438 9.47 12.15 1.25
N CYS A 439 10.03 11.01 1.70
CA CYS A 439 9.25 9.99 2.42
C CYS A 439 9.72 9.56 3.79
N VAL A 440 10.97 9.16 3.91
CA VAL A 440 11.44 8.67 5.20
C VAL A 440 12.77 9.30 5.53
N ASP A 441 12.74 10.36 6.33
CA ASP A 441 14.00 11.01 6.63
C ASP A 441 14.71 10.18 7.65
N ALA A 442 15.92 10.68 7.92
CA ALA A 442 16.92 10.16 8.82
C ALA A 442 16.97 10.98 10.12
N ASN A 443 17.16 10.32 11.25
CA ASN A 443 17.20 11.07 12.50
C ASN A 443 18.71 11.30 12.75
N VAL A 444 19.12 12.49 13.14
CA VAL A 444 20.57 12.86 13.21
C VAL A 444 21.07 13.39 14.58
N ALA A 445 22.34 13.15 14.89
CA ALA A 445 22.93 13.69 16.12
C ALA A 445 24.41 13.99 15.95
N ASN A 446 24.90 14.87 16.80
CA ASN A 446 26.26 15.30 16.77
C ASN A 446 26.88 15.38 15.37
N ALA A 447 26.22 16.17 14.52
CA ALA A 447 26.65 16.37 13.15
C ALA A 447 26.82 17.83 12.73
N GLU A 448 27.68 18.03 11.75
CA GLU A 448 27.97 19.33 11.18
C GLU A 448 27.96 19.11 9.68
N ARG A 449 27.33 20.01 8.92
CA ARG A 449 27.19 19.85 7.46
C ARG A 449 28.43 19.96 6.64
N VAL A 450 28.52 19.08 5.65
CA VAL A 450 29.49 19.20 4.58
C VAL A 450 28.72 19.02 3.30
N PRO A 451 29.26 19.45 2.17
CA PRO A 451 28.60 19.20 0.88
C PRO A 451 28.07 17.77 0.71
N ASN A 452 26.77 17.71 0.43
CA ASN A 452 26.03 16.48 0.18
C ASN A 452 25.92 15.54 1.34
N GLY A 453 26.22 16.03 2.54
CA GLY A 453 26.14 15.15 3.70
C GLY A 453 26.69 15.61 5.04
N LEU A 454 26.81 14.68 5.97
CA LEU A 454 27.24 15.09 7.28
C LEU A 454 28.62 14.56 7.71
N LYS A 455 29.33 15.43 8.45
CA LYS A 455 30.53 15.05 9.16
C LYS A 455 30.16 14.97 10.64
N PHE A 456 30.25 13.77 11.18
CA PHE A 456 29.87 13.55 12.54
C PHE A 456 31.03 13.72 13.50
N ASN A 457 30.71 14.18 14.69
CA ASN A 457 31.71 14.32 15.73
C ASN A 457 30.99 14.47 17.10
N GLY A 458 31.15 13.51 17.99
CA GLY A 458 30.44 13.60 19.25
C GLY A 458 29.87 12.29 19.74
N VAL A 459 29.63 12.20 21.04
CA VAL A 459 29.08 10.97 21.58
C VAL A 459 27.75 10.62 20.91
N GLY A 460 27.77 9.53 20.15
CA GLY A 460 26.59 9.10 19.45
C GLY A 460 26.37 9.76 18.10
N GLY A 461 27.28 10.61 17.65
CA GLY A 461 27.13 11.22 16.34
C GLY A 461 26.97 10.16 15.27
N GLY A 462 25.92 10.32 14.45
CA GLY A 462 25.60 9.39 13.39
C GLY A 462 24.24 9.86 12.93
N ALA A 463 23.50 8.95 12.28
CA ALA A 463 22.13 9.16 11.84
C ALA A 463 21.41 7.81 11.76
N VAL A 464 20.11 7.80 12.07
CA VAL A 464 19.31 6.60 12.04
C VAL A 464 18.21 6.67 10.99
N TRP A 465 18.20 5.74 10.05
CA TRP A 465 17.16 5.69 9.05
C TRP A 465 16.13 4.61 9.53
N PRO A 466 15.03 5.07 10.12
CA PRO A 466 14.06 4.16 10.73
C PRO A 466 13.62 3.07 9.79
N VAL A 467 13.75 1.83 10.25
CA VAL A 467 13.22 0.72 9.51
C VAL A 467 12.11 0.15 10.39
N ALA A 468 12.33 -0.87 11.20
CA ALA A 468 11.19 -1.24 12.07
C ALA A 468 10.83 -0.04 12.95
N ARG A 469 11.83 0.75 13.33
CA ARG A 469 11.63 1.94 14.14
C ARG A 469 10.71 2.93 13.49
N GLN A 470 10.48 2.77 12.20
CA GLN A 470 9.38 3.49 11.57
C GLN A 470 8.04 3.32 12.36
N GLY A 471 7.85 2.18 13.04
CA GLY A 471 6.66 1.98 13.83
C GLY A 471 5.48 1.21 13.24
N GLN A 472 4.31 1.86 13.16
CA GLN A 472 3.10 1.14 12.70
C GLN A 472 3.20 0.71 11.26
N THR A 473 3.19 1.66 10.33
CA THR A 473 3.34 1.42 8.90
C THR A 473 4.80 1.23 8.62
N ARG A 474 5.19 0.16 7.96
CA ARG A 474 6.61 -0.04 7.78
C ARG A 474 7.03 0.05 6.32
N ARG A 475 7.29 1.28 5.89
CA ARG A 475 7.62 1.62 4.53
C ARG A 475 8.94 1.09 3.98
N TYR A 476 9.86 0.69 4.85
CA TYR A 476 11.10 0.13 4.33
C TYR A 476 11.11 -1.34 4.61
N GLN A 477 9.93 -1.92 4.82
CA GLN A 477 9.77 -3.32 5.21
C GLN A 477 10.57 -4.22 4.33
N PHE A 478 10.87 -3.73 3.14
CA PHE A 478 11.60 -4.50 2.15
C PHE A 478 13.01 -4.93 2.60
N ALA A 479 13.81 -3.99 3.08
CA ALA A 479 15.17 -4.30 3.48
C ALA A 479 15.36 -5.76 3.98
N ASN A 480 14.36 -6.30 4.68
CA ASN A 480 14.43 -7.67 5.27
C ASN A 480 14.43 -8.77 4.24
N TYR A 481 13.94 -8.44 3.07
CA TYR A 481 13.97 -9.37 1.96
C TYR A 481 15.25 -9.00 1.16
N ARG A 482 15.38 -7.82 0.57
CA ARG A 482 16.67 -7.45 -0.08
C ARG A 482 16.97 -5.94 0.00
N PHE A 483 18.23 -5.53 -0.01
CA PHE A 483 18.53 -4.09 -0.05
C PHE A 483 19.93 -3.90 -0.61
N THR A 484 20.24 -2.67 -0.97
CA THR A 484 21.55 -2.25 -1.46
C THR A 484 21.74 -0.90 -0.78
N LEU A 485 22.64 -0.81 0.18
CA LEU A 485 22.79 0.48 0.84
C LEU A 485 24.09 1.05 0.32
N VAL A 486 24.06 2.31 -0.12
CA VAL A 486 25.25 2.94 -0.73
C VAL A 486 25.63 4.25 -0.09
N ALA A 487 26.91 4.58 -0.05
CA ALA A 487 27.38 5.82 0.58
C ALA A 487 28.84 6.14 0.28
N THR A 488 29.16 7.42 0.26
CA THR A 488 30.52 7.88 0.03
C THR A 488 31.01 8.29 1.39
N VAL A 489 32.21 7.85 1.81
CA VAL A 489 32.71 8.16 3.15
C VAL A 489 34.19 8.51 3.19
N THR A 490 34.62 9.01 4.35
CA THR A 490 36.06 9.14 4.72
C THR A 490 36.20 8.83 6.20
N ILE A 491 37.34 8.30 6.58
CA ILE A 491 37.51 8.14 7.99
C ILE A 491 38.32 9.34 8.44
N ASP A 492 37.72 10.14 9.30
CA ASP A 492 38.31 11.41 9.78
C ASP A 492 39.37 11.32 10.90
N GLU A 493 39.20 10.37 11.82
CA GLU A 493 40.09 10.18 12.96
C GLU A 493 40.16 8.69 13.26
N LEU A 494 41.32 8.16 13.67
CA LEU A 494 41.41 6.74 13.95
C LEU A 494 40.62 6.37 15.19
N PRO A 495 40.10 5.16 15.19
CA PRO A 495 39.32 4.63 16.29
C PRO A 495 40.17 3.97 17.37
N LYS A 496 39.86 4.18 18.65
CA LYS A 496 40.58 3.55 19.76
C LYS A 496 40.72 2.07 19.54
N GLY A 497 39.69 1.47 18.96
CA GLY A 497 39.65 0.07 18.63
C GLY A 497 38.86 -0.11 17.33
N THR A 498 37.63 -0.61 17.41
CA THR A 498 36.78 -0.78 16.25
C THR A 498 35.57 0.13 16.37
N SER A 499 35.24 0.94 15.36
CA SER A 499 34.00 1.75 15.38
C SER A 499 33.15 1.44 14.16
N PRO A 500 31.86 1.79 14.26
CA PRO A 500 30.86 1.57 13.19
C PRO A 500 30.84 2.60 12.04
N LEU A 501 30.67 2.12 10.82
CA LEU A 501 30.64 3.01 9.67
C LEU A 501 29.30 3.12 8.91
N LEU A 502 28.64 1.99 8.66
CA LEU A 502 27.39 1.93 7.91
C LEU A 502 26.77 0.54 8.09
N GLY A 503 25.49 0.49 8.43
CA GLY A 503 24.86 -0.80 8.60
C GLY A 503 23.35 -0.92 8.70
N ALA A 504 22.93 -2.16 8.74
CA ALA A 504 21.56 -2.50 8.97
C ALA A 504 21.65 -3.33 10.25
N GLY A 505 21.03 -2.81 11.30
CA GLY A 505 21.07 -3.43 12.59
C GLY A 505 19.73 -3.99 12.98
N LEU A 506 19.79 -5.12 13.70
CA LEU A 506 18.64 -5.90 14.14
C LEU A 506 17.86 -5.50 15.41
N GLU A 507 16.54 -5.45 15.29
CA GLU A 507 15.60 -5.35 16.43
C GLU A 507 15.96 -6.43 17.38
N GLY A 508 15.80 -6.20 18.67
CA GLY A 508 16.07 -7.27 19.61
C GLY A 508 17.11 -6.87 20.64
N PRO A 509 17.19 -7.65 21.71
CA PRO A 509 18.16 -7.39 22.78
C PRO A 509 19.60 -7.65 22.28
N GLY A 510 20.54 -6.89 22.82
CA GLY A 510 21.93 -7.00 22.42
C GLY A 510 22.20 -5.86 21.49
N ASP A 511 23.04 -6.13 20.49
CA ASP A 511 23.50 -5.11 19.54
C ASP A 511 23.63 -5.77 18.19
N ALA A 512 22.61 -6.51 17.77
CA ALA A 512 22.82 -7.28 16.55
C ALA A 512 22.78 -6.46 15.25
N LYS A 513 23.51 -6.92 14.25
CA LYS A 513 23.47 -6.27 12.95
C LYS A 513 23.20 -7.32 11.89
N LEU A 514 22.47 -6.97 10.84
CA LEU A 514 22.29 -7.95 9.79
C LEU A 514 23.53 -8.02 8.91
N LEU A 515 23.89 -6.89 8.34
CA LEU A 515 25.05 -6.82 7.50
C LEU A 515 25.45 -5.43 7.78
N GLY A 516 26.75 -5.14 7.68
CA GLY A 516 27.28 -3.80 7.96
C GLY A 516 28.79 -3.70 7.89
N LEU A 517 29.32 -2.47 7.86
CA LEU A 517 30.77 -2.30 7.80
C LEU A 517 31.35 -1.37 8.87
N SER A 518 32.51 -1.76 9.43
CA SER A 518 33.23 -0.98 10.41
C SER A 518 34.74 -0.83 10.05
N TYR A 519 35.47 -0.01 10.80
CA TYR A 519 36.91 0.22 10.64
C TYR A 519 37.59 0.19 12.00
N ASP A 520 38.86 -0.20 12.01
CA ASP A 520 39.58 -0.35 13.28
C ASP A 520 40.95 0.36 13.39
N LYS A 521 41.55 0.28 14.60
CA LYS A 521 42.77 1.03 14.98
C LYS A 521 43.94 0.75 14.06
N ASN A 522 43.85 -0.36 13.37
CA ASN A 522 44.91 -0.82 12.51
C ASN A 522 44.83 -0.31 11.08
N ARG A 523 43.73 0.33 10.73
CA ARG A 523 43.44 0.83 9.38
C ARG A 523 43.00 -0.26 8.40
N GLN A 524 42.28 -1.23 8.95
CA GLN A 524 41.65 -2.28 8.19
C GLN A 524 40.13 -2.10 8.31
N TRP A 525 39.41 -2.80 7.44
CA TRP A 525 37.96 -2.84 7.41
C TRP A 525 37.49 -4.09 8.12
N ARG A 526 36.39 -3.95 8.86
CA ARG A 526 35.74 -5.06 9.50
C ARG A 526 34.31 -5.14 9.11
N PRO A 527 34.05 -5.91 8.07
CA PRO A 527 32.69 -6.14 7.63
C PRO A 527 32.04 -7.11 8.58
N LEU A 528 30.76 -6.89 8.83
CA LEU A 528 29.99 -7.73 9.71
C LEU A 528 28.91 -8.44 8.89
N TYR A 529 28.95 -9.76 8.93
CA TYR A 529 28.04 -10.62 8.17
C TYR A 529 27.19 -11.36 9.15
N GLY A 530 26.01 -10.83 9.43
CA GLY A 530 25.18 -11.48 10.42
C GLY A 530 25.99 -11.72 11.68
N ALA A 531 25.82 -12.89 12.27
CA ALA A 531 26.45 -13.08 13.55
C ALA A 531 27.90 -13.56 13.49
N ALA A 532 28.42 -13.79 12.29
CA ALA A 532 29.82 -14.21 12.23
C ALA A 532 30.63 -13.04 12.78
N PRO A 533 31.71 -13.37 13.46
CA PRO A 533 32.60 -12.37 14.06
C PRO A 533 33.40 -11.60 13.02
N ALA A 534 33.41 -10.26 13.13
CA ALA A 534 34.26 -9.44 12.28
C ALA A 534 35.70 -9.96 12.29
N SER A 535 36.38 -9.75 11.18
CA SER A 535 37.76 -10.16 11.07
C SER A 535 38.34 -9.22 10.07
N PRO A 536 39.38 -8.52 10.49
CA PRO A 536 40.06 -7.54 9.65
C PRO A 536 40.31 -7.97 8.24
N THR A 537 40.22 -7.01 7.34
CA THR A 537 40.55 -7.24 5.95
C THR A 537 40.93 -5.92 5.30
N GLY A 538 41.92 -5.97 4.41
CA GLY A 538 42.32 -4.80 3.65
C GLY A 538 43.15 -3.70 4.28
N SER A 539 43.04 -2.53 3.69
CA SER A 539 43.78 -1.37 4.14
C SER A 539 42.99 -0.20 3.56
N TRP A 540 42.99 0.91 4.32
CA TRP A 540 42.34 2.15 3.98
C TRP A 540 43.20 3.27 4.59
N GLU A 541 43.08 4.47 4.07
CA GLU A 541 43.96 5.51 4.54
C GLU A 541 43.16 6.69 5.03
N LEU A 542 43.11 6.93 6.32
CA LEU A 542 42.47 8.15 6.81
C LEU A 542 42.40 9.27 5.79
N HIS A 543 41.25 9.93 5.72
CA HIS A 543 40.98 11.14 4.87
C HIS A 543 40.58 10.90 3.43
N LYS A 544 40.96 9.74 2.92
CA LYS A 544 40.76 9.35 1.54
C LYS A 544 39.29 8.97 1.30
N LYS A 545 38.71 9.33 0.17
CA LYS A 545 37.27 9.05 -0.09
C LYS A 545 36.95 7.61 -0.52
N TYR A 546 36.12 6.88 0.23
CA TYR A 546 35.78 5.53 -0.24
C TYR A 546 34.30 5.30 -0.66
N HIS A 547 34.09 4.43 -1.65
CA HIS A 547 32.73 4.03 -2.05
C HIS A 547 32.38 2.69 -1.40
N VAL A 548 31.53 2.79 -0.39
CA VAL A 548 30.94 1.65 0.22
C VAL A 548 29.56 1.44 -0.38
N VAL A 549 29.17 0.17 -0.45
CA VAL A 549 27.91 -0.36 -0.88
C VAL A 549 27.72 -1.63 -0.05
N LEU A 550 26.57 -1.83 0.59
CA LEU A 550 26.30 -3.06 1.36
C LEU A 550 25.21 -3.76 0.59
N THR A 551 25.28 -5.07 0.45
CA THR A 551 24.31 -5.74 -0.42
C THR A 551 23.70 -6.98 0.24
N MET A 552 22.40 -7.05 0.31
CA MET A 552 21.78 -8.21 0.93
C MET A 552 20.59 -8.74 0.18
N ALA A 553 20.76 -9.95 -0.33
CA ALA A 553 19.68 -10.65 -0.97
C ALA A 553 19.85 -12.17 -0.68
N ASP A 554 18.89 -12.99 -1.11
CA ASP A 554 18.92 -14.42 -0.76
C ASP A 554 19.56 -14.78 0.60
N ARG A 555 19.25 -13.99 1.64
CA ARG A 555 19.74 -14.24 3.01
C ARG A 555 21.24 -14.09 3.07
N GLN A 556 21.76 -13.52 1.99
CA GLN A 556 23.20 -13.34 1.79
C GLN A 556 23.63 -11.89 1.86
N GLY A 557 24.90 -11.67 2.20
CA GLY A 557 25.43 -10.35 2.34
C GLY A 557 26.76 -10.24 1.66
N SER A 558 27.10 -9.01 1.28
CA SER A 558 28.37 -8.75 0.65
C SER A 558 28.68 -7.30 1.04
N VAL A 559 29.96 -6.91 1.11
CA VAL A 559 30.28 -5.49 1.33
C VAL A 559 31.29 -5.05 0.31
N TYR A 560 31.12 -3.88 -0.27
CA TYR A 560 32.06 -3.42 -1.30
C TYR A 560 32.77 -2.15 -0.91
N VAL A 561 34.06 -2.14 -1.18
CA VAL A 561 34.82 -0.91 -1.08
C VAL A 561 35.38 -0.70 -2.48
N ASP A 562 35.25 0.53 -2.96
CA ASP A 562 35.70 0.87 -4.28
C ASP A 562 35.27 -0.14 -5.34
N GLY A 563 33.98 -0.43 -5.37
CA GLY A 563 33.40 -1.27 -6.39
C GLY A 563 33.88 -2.68 -6.30
N GLN A 564 34.77 -2.98 -5.36
CA GLN A 564 35.25 -4.35 -5.18
C GLN A 564 34.75 -4.93 -3.86
N PRO A 565 34.29 -6.15 -3.91
CA PRO A 565 33.79 -6.84 -2.72
C PRO A 565 34.93 -7.25 -1.75
N LEU A 566 34.68 -7.04 -0.48
CA LEU A 566 35.66 -7.40 0.53
C LEU A 566 35.56 -8.89 0.83
N ALA A 567 36.59 -9.42 1.46
CA ALA A 567 36.64 -10.84 1.80
C ALA A 567 35.44 -11.30 2.65
N GLY A 568 34.85 -12.43 2.30
CA GLY A 568 33.72 -12.89 3.06
C GLY A 568 32.39 -12.52 2.47
N SER A 569 32.38 -11.57 1.54
CA SER A 569 31.15 -11.21 0.84
C SER A 569 30.47 -12.48 0.28
N GLY A 570 29.15 -12.52 0.38
CA GLY A 570 28.39 -13.70 -0.02
C GLY A 570 28.10 -14.64 1.14
N ASN A 571 28.65 -14.33 2.31
CA ASN A 571 28.41 -15.15 3.47
C ASN A 571 26.90 -15.13 3.82
N THR A 572 26.31 -16.27 4.18
CA THR A 572 24.90 -16.33 4.57
C THR A 572 24.68 -15.34 5.69
N VAL A 573 23.71 -14.44 5.61
CA VAL A 573 23.58 -13.52 6.73
C VAL A 573 22.50 -13.82 7.73
N VAL A 574 21.46 -14.54 7.36
CA VAL A 574 20.46 -14.95 8.34
C VAL A 574 20.03 -16.37 8.07
N ARG A 575 19.92 -17.16 9.14
CA ARG A 575 19.43 -18.53 9.02
C ARG A 575 17.95 -18.65 9.24
N GLY A 576 17.33 -19.57 8.53
CA GLY A 576 15.91 -19.86 8.72
C GLY A 576 14.94 -19.18 7.77
N ALA A 577 13.68 -19.57 7.92
CA ALA A 577 12.55 -19.07 7.11
C ALA A 577 11.94 -17.68 7.48
N THR A 578 11.99 -17.29 8.76
CA THR A 578 11.47 -15.98 9.17
C THR A 578 12.28 -14.88 8.57
N LEU A 579 11.67 -13.79 8.15
CA LEU A 579 12.54 -12.73 7.71
C LEU A 579 13.06 -11.95 8.90
N PRO A 580 14.27 -11.47 8.74
CA PRO A 580 14.90 -10.62 9.72
C PRO A 580 13.96 -9.47 9.95
N ASP A 581 14.14 -8.78 11.07
CA ASP A 581 13.38 -7.63 11.46
C ASP A 581 14.33 -6.44 11.64
N ILE A 582 14.78 -5.88 10.54
CA ILE A 582 15.73 -4.77 10.59
C ILE A 582 15.13 -3.61 11.35
N SER A 583 15.88 -3.08 12.31
CA SER A 583 15.40 -1.96 13.11
C SER A 583 15.67 -0.62 12.42
N HIS A 584 16.86 -0.49 11.85
CA HIS A 584 17.22 0.70 11.13
C HIS A 584 18.55 0.51 10.44
N PHE A 585 18.87 1.49 9.59
CA PHE A 585 20.14 1.55 8.90
C PHE A 585 20.92 2.64 9.69
N TYR A 586 22.21 2.43 9.97
CA TYR A 586 22.97 3.43 10.66
C TYR A 586 24.04 3.98 9.78
N ILE A 587 24.24 5.29 9.85
CA ILE A 587 25.27 5.96 9.09
C ILE A 587 26.19 6.50 10.13
N GLY A 588 27.42 6.00 10.24
CA GLY A 588 28.31 6.50 11.26
C GLY A 588 28.11 5.78 12.58
N GLY A 589 28.06 6.46 13.71
CA GLY A 589 27.91 5.71 14.93
C GLY A 589 26.87 6.24 15.89
N PRO A 590 25.64 6.26 15.44
CA PRO A 590 24.54 6.78 16.25
C PRO A 590 24.45 6.13 17.64
N GLY A 594 23.94 2.71 24.62
CA GLY A 594 24.89 1.83 25.30
C GLY A 594 26.34 2.36 25.26
N ALA A 595 27.21 1.72 24.50
CA ALA A 595 28.55 2.28 24.41
C ALA A 595 28.54 3.74 23.85
N PRO A 596 29.40 4.57 24.41
CA PRO A 596 29.57 5.94 23.96
C PRO A 596 30.25 6.03 22.60
N THR A 597 29.73 5.34 21.61
CA THR A 597 30.38 5.39 20.31
C THR A 597 30.67 6.78 19.68
N ASP A 598 31.96 7.12 19.54
CA ASP A 598 32.30 8.32 18.80
C ASP A 598 33.01 8.02 17.48
N SER A 599 32.26 7.54 16.49
CA SER A 599 32.84 7.35 15.17
C SER A 599 33.17 8.70 14.50
N ARG A 600 34.42 8.87 14.12
CA ARG A 600 34.80 10.12 13.51
C ARG A 600 34.88 10.01 11.99
N VAL A 601 33.72 10.09 11.37
CA VAL A 601 33.65 9.92 9.92
C VAL A 601 32.77 11.00 9.29
N THR A 602 32.82 11.04 7.96
CA THR A 602 32.00 11.96 7.17
C THR A 602 31.33 11.10 6.10
N VAL A 603 30.01 11.14 6.01
CA VAL A 603 29.33 10.35 4.98
C VAL A 603 28.45 11.27 4.15
N THR A 604 28.32 10.98 2.86
CA THR A 604 27.57 11.85 1.98
C THR A 604 26.84 11.02 0.94
N ASN A 605 25.73 11.52 0.43
CA ASN A 605 24.97 10.82 -0.59
C ASN A 605 24.69 9.36 -0.28
N ILE A 606 23.79 9.05 0.67
CA ILE A 606 23.44 7.65 0.93
C ILE A 606 22.30 7.30 0.06
N VAL A 607 22.40 6.18 -0.65
CA VAL A 607 21.31 5.78 -1.53
C VAL A 607 20.79 4.44 -1.03
N LEU A 608 19.47 4.22 -1.19
CA LEU A 608 18.77 3.00 -0.76
C LEU A 608 17.91 2.40 -1.88
N TYR A 609 18.06 1.10 -2.12
CA TYR A 609 17.36 0.43 -3.21
C TYR A 609 16.68 -0.85 -2.65
N ASN A 610 15.49 -1.21 -3.18
CA ASN A 610 14.74 -2.41 -2.77
C ASN A 610 15.06 -3.67 -3.57
N ARG A 611 16.32 -3.81 -3.93
CA ARG A 611 16.76 -4.92 -4.73
C ARG A 611 18.26 -4.98 -4.66
N ARG A 612 18.84 -6.11 -5.07
CA ARG A 612 20.28 -6.20 -5.01
C ARG A 612 20.93 -5.61 -6.26
N LEU A 613 21.36 -4.35 -6.24
CA LEU A 613 22.01 -3.84 -7.46
C LEU A 613 23.06 -4.81 -8.00
N ASN A 614 23.28 -4.81 -9.30
CA ASN A 614 24.29 -5.75 -9.78
C ASN A 614 25.75 -5.25 -9.72
N SER A 615 26.69 -6.01 -10.25
CA SER A 615 28.07 -5.57 -10.15
C SER A 615 28.32 -4.43 -11.10
N SER A 616 27.81 -4.49 -12.31
CA SER A 616 28.06 -3.36 -13.17
C SER A 616 27.29 -2.18 -12.60
N GLU A 617 26.12 -2.44 -12.04
CA GLU A 617 25.38 -1.38 -11.39
C GLU A 617 26.17 -0.72 -10.25
N ILE A 618 26.94 -1.50 -9.52
CA ILE A 618 27.70 -0.94 -8.44
C ILE A 618 28.85 -0.12 -9.00
N ARG A 619 29.30 -0.44 -10.20
CA ARG A 619 30.49 0.25 -10.75
C ARG A 619 30.07 1.58 -11.36
N THR A 620 28.84 1.62 -11.79
CA THR A 620 28.25 2.80 -12.34
C THR A 620 28.25 3.83 -11.21
N LEU A 621 27.67 3.43 -10.08
CA LEU A 621 27.66 4.27 -8.91
C LEU A 621 29.13 4.58 -8.47
N PHE A 622 29.98 3.59 -8.34
CA PHE A 622 31.31 3.96 -7.93
C PHE A 622 31.91 4.91 -8.95
N LEU A 623 31.59 4.74 -10.22
CA LEU A 623 32.23 5.59 -11.20
C LEU A 623 31.67 6.99 -11.19
N SER A 624 30.51 7.16 -10.58
CA SER A 624 29.85 8.45 -10.67
C SER A 624 29.39 9.15 -9.38
N GLN A 625 30.05 8.87 -8.25
CA GLN A 625 29.55 9.41 -6.98
C GLN A 625 29.72 10.91 -6.77
N ASP A 626 30.65 11.50 -7.52
CA ASP A 626 30.89 12.93 -7.39
C ASP A 626 29.96 13.60 -8.36
N MET A 627 28.93 12.89 -8.86
CA MET A 627 27.96 13.47 -9.86
C MET A 627 26.49 13.32 -9.38
N ILE A 628 26.25 12.37 -8.49
CA ILE A 628 24.88 12.18 -8.05
C ILE A 628 24.34 13.20 -7.08
N GLY A 629 25.20 13.95 -6.41
CA GLY A 629 24.68 14.85 -5.38
C GLY A 629 23.67 15.94 -5.68
N THR A 630 22.91 16.37 -4.67
CA THR A 630 21.95 17.46 -4.84
C THR A 630 22.60 18.81 -4.54
C1 NAG B . 23.16 -5.09 -14.52
C2 NAG B . 23.10 -6.00 -15.73
C3 NAG B . 22.90 -5.12 -16.96
C4 NAG B . 21.76 -4.11 -16.75
C5 NAG B . 21.64 -3.55 -15.34
C6 NAG B . 20.25 -2.92 -15.11
C7 NAG B . 24.32 -8.11 -15.35
C8 NAG B . 25.56 -8.47 -14.55
N2 NAG B . 24.28 -6.86 -15.83
O3 NAG B . 22.54 -5.89 -18.07
O4 NAG B . 21.94 -3.05 -17.65
O5 NAG B . 21.84 -4.63 -14.47
O6 NAG B . 19.34 -3.67 -14.29
O7 NAG B . 23.41 -8.95 -15.52
C1 NAG C . 15.71 20.22 10.71
C2 NAG C . 14.59 20.99 11.38
C3 NAG C . 13.41 20.04 11.51
C4 NAG C . 12.91 19.71 10.09
C5 NAG C . 14.08 19.22 9.25
C6 NAG C . 13.80 19.22 7.74
C7 NAG C . 15.45 20.74 13.67
C8 NAG C . 14.88 21.09 15.02
N2 NAG C . 15.07 21.51 12.64
O3 NAG C . 12.37 20.54 12.31
O4 NAG C . 11.86 18.76 10.11
O5 NAG C . 15.24 20.01 9.40
O6 NAG C . 15.02 19.58 7.11
O7 NAG C . 16.23 19.78 13.55
C1 NAG D . -33.32 -16.91 -0.98
C2 NAG D . -33.17 -18.02 -2.08
C3 NAG D . -33.70 -17.49 -3.38
C4 NAG D . -35.18 -17.49 -3.13
C5 NAG D . -35.29 -16.27 -2.21
C6 NAG D . -36.68 -15.66 -2.08
C7 NAG D . -30.91 -18.62 -1.47
C8 NAG D . -29.70 -17.77 -1.77
N2 NAG D . -31.86 -18.57 -2.37
O3 NAG D . -33.36 -18.27 -4.50
O4 NAG D . -35.80 -17.46 -4.39
O5 NAG D . -34.72 -16.58 -0.94
O6 NAG D . -37.65 -16.66 -2.04
O7 NAG D . -31.01 -19.31 -0.46
C1 NAG E . -31.35 16.20 7.72
C2 NAG E . -32.35 16.97 8.60
C3 NAG E . -32.28 18.50 8.49
C4 NAG E . -30.95 19.07 7.99
C5 NAG E . -30.02 18.08 7.28
C6 NAG E . -28.56 18.55 7.23
C7 NAG E . -34.22 15.72 9.38
C8 NAG E . -34.66 14.31 9.01
N2 NAG E . -33.72 16.49 8.41
O3 NAG E . -32.60 19.02 9.77
O4 NAG E . -31.20 20.10 7.06
O5 NAG E . -30.09 16.83 7.93
O6 NAG E . -28.31 19.58 8.15
O7 NAG E . -34.28 16.10 10.56
C1 NAG F . -48.73 -1.75 -2.03
C2 NAG F . -50.13 -1.12 -2.20
C3 NAG F . -50.09 0.14 -1.34
C4 NAG F . -50.08 -0.46 0.06
C5 NAG F . -48.61 -0.90 0.22
C6 NAG F . -48.07 -1.35 1.59
C7 NAG F . -51.77 -1.41 -3.98
C8 NAG F . -52.41 -0.82 -5.25
N2 NAG F . -50.61 -0.87 -3.57
O3 NAG F . -51.09 1.10 -1.67
O4 NAG F . -50.53 0.42 1.06
O5 NAG F . -48.39 -1.97 -0.68
O6 NAG F . -48.85 -0.91 2.67
O7 NAG F . -52.29 -2.33 -3.33
C1 DAN G . -16.45 -5.18 8.91
C2 DAN G . -17.17 -5.97 8.03
C3 DAN G . -18.18 -5.36 7.12
C4 DAN G . -18.75 -6.42 6.20
C5 DAN G . -18.83 -7.78 6.86
C6 DAN G . -17.38 -8.15 7.11
C7 DAN G . -17.20 -9.57 7.66
C8 DAN G . -15.85 -9.86 8.32
C9 DAN G . -15.33 -11.29 8.55
C10 DAN G . -20.06 -9.81 6.17
C11 DAN G . -20.54 -10.66 5.03
N5 DAN G . -19.58 -8.61 5.92
O1A DAN G . -16.66 -3.82 9.22
O1B DAN G . -15.50 -5.78 9.55
O4 DAN G . -20.02 -6.00 5.77
O6 DAN G . -16.92 -7.22 8.08
O7 DAN G . -18.19 -9.55 8.64
O8 DAN G . -14.86 -9.22 7.59
O9 DAN G . -16.16 -12.37 8.20
O10 DAN G . -20.10 -10.30 7.46
#